data_5ECV
#
_entry.id   5ECV
#
_cell.length_a   77.785
_cell.length_b   77.785
_cell.length_c   222.976
_cell.angle_alpha   90.00
_cell.angle_beta   90.00
_cell.angle_gamma   90.00
#
_symmetry.space_group_name_H-M   'P 43 21 2'
#
loop_
_entity.id
_entity.type
_entity.pdbx_description
1 polymer 'Malate synthase G'
2 non-polymer 'MAGNESIUM ION'
3 non-polymer '(~{Z})-4-(4-methyl-1~{H}-indol-5-yl)-2-oxidanyl-4-oxidanylidene-but-2-enoic acid'
4 water water
#
_entity_poly.entity_id   1
_entity_poly.type   'polypeptide(L)'
_entity_poly.pdbx_seq_one_letter_code
;MTDRVSVGNLRIARVLYDFVNNEALPGTDIDPDSFWAGVDKVVADLTPQNQALLNARDELQAQIDKWHRRRVIEPIDMDA
YRQFLTEIGYLLPEPDDFTITTSGVDAEITTTAGPQLVVPVLNARFALNAANARWGSLYDALYGTDVIPETDGAEKGPTY
NKVRGDKVIAYARKFLDDSVPLSSGSFGDATGFTVQDGQLVVALPDKSTGLANPGQFAGYTGAAESPTSVLLINHGLHIE
ILIDPESQVGTTDRAGVKDVILESAITTIMDFEDSVAAVDAADKVLGYRNWLGLNKGDLAAAVDKDGTAFLRVLNRDRNY
TAPGGGQFTLPGRSLMFVRNVGHLMTNDAIVDTDGSEVFEGIMDALFTGLIAIHGLKASDVNGPLINSRTGSIYIVKPKM
HGPAEVAFTCELFSRVEDVLGLPQNTMKIGIMDEERRTTVNLKACIKAAADRVVFINTGFLDRTGDEIHTSMEAGPMVRK
GTMKSQPWILAYEDHNVDAGLAAGFSGRAQVGKGMWTMTELMADMVETKIAQPRAGASTAWVPSPTAATLHALHYHQVDV
AAVQQGLAGKRRATIEQLLTIPLAKELAWAPDEIREEVDNNCQSILGYVVRWVDQGVGASKVPDIHDVALMEDRATLRIS
SQLLANWLRHGVITSADVRASLERMAPLVDRQNAGDVAYRPMAPNFDDSIAFLAAQELILSGAQQPNGYTEPILHRRRRE
FKARAAEKPAPSDRAGDDAAR
;
_entity_poly.pdbx_strand_id   A
#
# COMPACT_ATOMS: atom_id res chain seq x y z
N THR A 2 -1.32 24.42 29.08
CA THR A 2 -0.95 23.41 30.07
C THR A 2 0.13 22.49 29.51
N ASP A 3 0.15 22.36 28.19
CA ASP A 3 1.07 21.48 27.48
C ASP A 3 0.95 21.81 25.99
N ARG A 4 0.54 23.04 25.72
CA ARG A 4 0.30 23.48 24.36
C ARG A 4 0.95 24.82 24.07
N VAL A 5 1.31 25.03 22.82
CA VAL A 5 1.95 26.26 22.38
C VAL A 5 0.98 27.03 21.49
N SER A 6 0.83 28.33 21.76
CA SER A 6 -0.10 29.16 21.00
C SER A 6 0.56 29.76 19.78
N VAL A 7 -0.04 29.52 18.62
CA VAL A 7 0.39 30.16 17.39
C VAL A 7 -0.86 30.63 16.67
N GLY A 8 -1.11 31.93 16.69
CA GLY A 8 -2.35 32.46 16.16
C GLY A 8 -3.53 31.78 16.83
N ASN A 9 -4.41 31.18 16.03
CA ASN A 9 -5.61 30.55 16.55
C ASN A 9 -5.39 29.10 17.01
N LEU A 10 -4.16 28.62 16.88
CA LEU A 10 -3.89 27.23 17.17
C LEU A 10 -3.18 27.02 18.51
N ARG A 11 -3.47 25.88 19.13
CA ARG A 11 -2.79 25.43 20.33
C ARG A 11 -2.17 24.07 20.01
N ILE A 12 -0.86 24.06 19.84
CA ILE A 12 -0.11 22.91 19.37
C ILE A 12 0.46 22.13 20.54
N ALA A 13 0.25 20.81 20.56
CA ALA A 13 0.83 20.00 21.64
C ALA A 13 2.34 20.21 21.69
N ARG A 14 2.89 20.30 22.91
CA ARG A 14 4.29 20.67 23.12
C ARG A 14 5.24 19.65 22.50
N VAL A 15 4.91 18.38 22.65
CA VAL A 15 5.74 17.32 22.07
C VAL A 15 5.88 17.48 20.54
N LEU A 16 4.84 17.96 19.87
CA LEU A 16 4.87 18.15 18.41
C LEU A 16 5.64 19.42 18.06
N TYR A 17 5.36 20.50 18.78
CA TYR A 17 6.03 21.77 18.58
C TYR A 17 7.55 21.60 18.72
N ASP A 18 7.98 20.95 19.80
CA ASP A 18 9.42 20.72 20.01
C ASP A 18 10.02 19.84 18.93
N PHE A 19 9.30 18.79 18.54
CA PHE A 19 9.79 17.91 17.49
C PHE A 19 10.05 18.72 16.24
N VAL A 20 9.07 19.51 15.84
CA VAL A 20 9.25 20.28 14.62
C VAL A 20 10.41 21.25 14.71
N ASN A 21 10.49 21.98 15.81
CA ASN A 21 11.53 23.00 15.95
C ASN A 21 12.92 22.43 16.07
N ASN A 22 13.06 21.37 16.85
CA ASN A 22 14.37 20.86 17.14
C ASN A 22 14.89 19.81 16.15
N GLU A 23 13.97 19.16 15.42
CA GLU A 23 14.38 18.03 14.59
C GLU A 23 14.03 18.20 13.12
N ALA A 24 12.83 18.69 12.85
CA ALA A 24 12.35 18.78 11.48
C ALA A 24 12.88 20.03 10.78
N LEU A 25 12.69 21.19 11.40
CA LEU A 25 13.08 22.45 10.77
C LEU A 25 14.57 22.67 10.51
N PRO A 26 15.46 22.26 11.44
CA PRO A 26 16.86 22.62 11.19
C PRO A 26 17.45 21.90 9.99
N GLY A 27 18.08 22.64 9.08
CA GLY A 27 18.67 22.08 7.89
C GLY A 27 17.81 22.31 6.66
N THR A 28 16.66 22.93 6.86
CA THR A 28 15.73 23.13 5.76
C THR A 28 15.77 24.57 5.31
N ASP A 29 16.39 25.43 6.12
CA ASP A 29 16.49 26.86 5.84
C ASP A 29 15.11 27.51 5.75
N ILE A 30 14.17 27.02 6.55
CA ILE A 30 12.90 27.69 6.69
C ILE A 30 12.89 28.33 8.05
N ASP A 31 12.61 29.62 8.11
CA ASP A 31 12.50 30.30 9.39
C ASP A 31 11.32 29.72 10.16
N PRO A 32 11.58 29.24 11.39
CA PRO A 32 10.55 28.67 12.27
C PRO A 32 9.32 29.57 12.47
N ASP A 33 9.54 30.87 12.62
CA ASP A 33 8.49 31.86 12.81
C ASP A 33 7.48 31.79 11.66
N SER A 34 7.99 31.80 10.43
CA SER A 34 7.12 31.84 9.27
C SER A 34 6.51 30.47 8.97
N PHE A 35 7.17 29.40 9.41
CA PHE A 35 6.59 28.08 9.26
C PHE A 35 5.32 27.97 10.05
N TRP A 36 5.43 28.31 11.33
CA TRP A 36 4.31 28.21 12.26
C TRP A 36 3.22 29.19 11.92
N ALA A 37 3.59 30.36 11.42
CA ALA A 37 2.61 31.33 10.96
C ALA A 37 1.87 30.75 9.77
N GLY A 38 2.61 30.09 8.88
CA GLY A 38 2.02 29.42 7.74
C GLY A 38 1.06 28.29 8.12
N VAL A 39 1.47 27.45 9.06
CA VAL A 39 0.59 26.40 9.58
C VAL A 39 -0.75 27.01 10.01
N ASP A 40 -0.71 28.07 10.81
CA ASP A 40 -1.93 28.76 11.27
C ASP A 40 -2.74 29.31 10.09
N LYS A 41 -2.07 29.95 9.15
CA LYS A 41 -2.76 30.51 7.99
C LYS A 41 -3.42 29.43 7.12
N VAL A 42 -2.65 28.40 6.76
CA VAL A 42 -3.19 27.30 5.95
C VAL A 42 -4.37 26.62 6.63
N VAL A 43 -4.22 26.31 7.92
CA VAL A 43 -5.34 25.70 8.64
C VAL A 43 -6.57 26.59 8.63
N ALA A 44 -6.39 27.88 8.88
CA ALA A 44 -7.52 28.80 8.92
C ALA A 44 -8.18 28.95 7.55
N ASP A 45 -7.38 29.04 6.49
CA ASP A 45 -7.90 29.22 5.14
C ASP A 45 -8.64 28.01 4.57
N LEU A 46 -8.18 26.80 4.87
CA LEU A 46 -8.66 25.61 4.18
C LEU A 46 -9.61 24.74 4.98
N THR A 47 -9.67 24.96 6.30
CA THR A 47 -10.61 24.25 7.15
C THR A 47 -12.07 24.34 6.66
N PRO A 48 -12.55 25.55 6.29
CA PRO A 48 -13.95 25.62 5.84
C PRO A 48 -14.24 24.75 4.62
N GLN A 49 -13.35 24.76 3.63
CA GLN A 49 -13.54 23.96 2.42
C GLN A 49 -13.52 22.49 2.77
N ASN A 50 -12.61 22.13 3.67
CA ASN A 50 -12.46 20.73 4.07
C ASN A 50 -13.76 20.24 4.69
N GLN A 51 -14.36 21.08 5.54
CA GLN A 51 -15.61 20.72 6.19
C GLN A 51 -16.77 20.64 5.19
N ALA A 52 -16.82 21.59 4.26
CA ALA A 52 -17.87 21.62 3.26
C ALA A 52 -17.84 20.34 2.41
N LEU A 53 -16.62 19.90 2.09
CA LEU A 53 -16.46 18.68 1.31
C LEU A 53 -17.02 17.47 2.06
N LEU A 54 -16.73 17.38 3.36
CA LEU A 54 -17.23 16.31 4.20
C LEU A 54 -18.75 16.34 4.34
N ASN A 55 -19.33 17.53 4.50
CA ASN A 55 -20.78 17.67 4.55
C ASN A 55 -21.40 17.23 3.22
N ALA A 56 -20.71 17.48 2.11
CA ALA A 56 -21.21 17.08 0.80
C ALA A 56 -21.33 15.56 0.66
N ARG A 57 -20.35 14.82 1.20
CA ARG A 57 -20.43 13.35 1.24
C ARG A 57 -21.72 12.92 1.94
N ASP A 58 -21.99 13.54 3.10
CA ASP A 58 -23.12 13.15 3.92
C ASP A 58 -24.45 13.42 3.19
N GLU A 59 -24.52 14.56 2.50
CA GLU A 59 -25.73 14.94 1.78
C GLU A 59 -25.97 13.98 0.62
N LEU A 60 -24.91 13.64 -0.10
CA LEU A 60 -25.01 12.64 -1.16
C LEU A 60 -25.48 11.30 -0.64
N GLN A 61 -24.86 10.82 0.42
CA GLN A 61 -25.22 9.52 0.97
C GLN A 61 -26.67 9.48 1.50
N ALA A 62 -27.12 10.58 2.09
CA ALA A 62 -28.51 10.64 2.56
C ALA A 62 -29.48 10.51 1.38
N GLN A 63 -29.21 11.22 0.30
CA GLN A 63 -30.06 11.14 -0.90
C GLN A 63 -30.10 9.75 -1.51
N ILE A 64 -28.95 9.10 -1.60
CA ILE A 64 -28.88 7.74 -2.11
C ILE A 64 -29.66 6.76 -1.22
N ASP A 65 -29.41 6.79 0.08
CA ASP A 65 -30.16 5.98 1.04
C ASP A 65 -31.66 6.13 0.79
N LYS A 66 -32.09 7.37 0.60
CA LYS A 66 -33.52 7.64 0.45
C LYS A 66 -34.05 7.15 -0.89
N TRP A 67 -33.18 7.13 -1.91
CA TRP A 67 -33.56 6.61 -3.24
C TRP A 67 -33.89 5.14 -3.14
N HIS A 68 -33.06 4.41 -2.40
CA HIS A 68 -33.29 2.99 -2.22
C HIS A 68 -34.53 2.69 -1.37
N ARG A 69 -34.74 3.48 -0.33
CA ARG A 69 -35.86 3.24 0.56
C ARG A 69 -37.24 3.53 -0.07
N ARG A 70 -37.29 4.40 -1.06
CA ARG A 70 -38.56 4.74 -1.69
C ARG A 70 -38.87 3.85 -2.90
N ARG A 71 -37.99 2.90 -3.18
CA ARG A 71 -38.20 1.97 -4.27
C ARG A 71 -38.47 0.58 -3.75
N VAL A 72 -39.28 -0.17 -4.47
CA VAL A 72 -39.55 -1.56 -4.10
C VAL A 72 -38.95 -2.52 -5.14
N ILE A 73 -39.06 -2.17 -6.42
CA ILE A 73 -38.53 -2.96 -7.53
C ILE A 73 -37.07 -3.37 -7.31
N GLU A 74 -36.86 -4.62 -6.86
CA GLU A 74 -35.52 -5.12 -6.57
C GLU A 74 -34.58 -5.16 -7.79
N PRO A 75 -35.10 -5.58 -8.97
CA PRO A 75 -34.28 -5.37 -10.17
C PRO A 75 -34.11 -3.87 -10.39
N ILE A 76 -33.00 -3.33 -9.89
CA ILE A 76 -32.71 -1.91 -9.99
C ILE A 76 -32.67 -1.44 -11.44
N ASP A 77 -33.47 -0.42 -11.75
CA ASP A 77 -33.46 0.20 -13.08
C ASP A 77 -32.20 1.04 -13.25
N MET A 78 -31.27 0.51 -14.04
CA MET A 78 -29.96 1.12 -14.23
C MET A 78 -30.07 2.49 -14.91
N ASP A 79 -31.04 2.62 -15.79
CA ASP A 79 -31.26 3.89 -16.47
C ASP A 79 -31.62 5.01 -15.49
N ALA A 80 -32.52 4.72 -14.55
CA ALA A 80 -33.01 5.73 -13.63
C ALA A 80 -32.00 6.07 -12.52
N TYR A 81 -31.28 5.04 -12.06
CA TYR A 81 -30.27 5.17 -11.04
C TYR A 81 -29.18 6.10 -11.53
N ARG A 82 -28.69 5.83 -12.74
CA ARG A 82 -27.67 6.64 -13.37
C ARG A 82 -28.11 8.09 -13.52
N GLN A 83 -29.36 8.30 -13.92
CA GLN A 83 -29.89 9.66 -14.06
C GLN A 83 -29.99 10.36 -12.71
N PHE A 84 -30.41 9.61 -11.70
CA PHE A 84 -30.47 10.14 -10.34
C PHE A 84 -29.08 10.61 -9.88
N LEU A 85 -28.08 9.75 -10.02
CA LEU A 85 -26.70 10.10 -9.63
C LEU A 85 -26.20 11.34 -10.35
N THR A 86 -26.63 11.52 -11.60
CA THR A 86 -26.23 12.72 -12.33
C THR A 86 -26.92 13.96 -11.80
N GLU A 87 -28.21 13.84 -11.51
CA GLU A 87 -28.98 14.98 -11.01
C GLU A 87 -28.39 15.51 -9.71
N ILE A 88 -28.05 14.61 -8.79
CA ILE A 88 -27.58 15.03 -7.47
C ILE A 88 -26.09 15.42 -7.45
N GLY A 89 -25.41 15.33 -8.59
CA GLY A 89 -24.01 15.76 -8.67
C GLY A 89 -22.98 14.71 -8.25
N TYR A 90 -23.43 13.47 -8.15
CA TYR A 90 -22.60 12.36 -7.73
C TYR A 90 -21.76 11.96 -8.92
N LEU A 91 -22.43 11.84 -10.07
CA LEU A 91 -21.82 11.40 -11.30
C LEU A 91 -21.68 12.61 -12.20
N LEU A 92 -20.44 13.02 -12.46
CA LEU A 92 -20.18 14.26 -13.16
C LEU A 92 -19.84 14.00 -14.62
N PRO A 93 -20.00 15.01 -15.48
CA PRO A 93 -19.64 14.84 -16.90
C PRO A 93 -18.17 14.49 -17.01
N GLU A 94 -17.82 13.61 -17.94
CA GLU A 94 -16.42 13.27 -18.18
C GLU A 94 -15.80 14.33 -19.10
N PRO A 95 -14.62 14.84 -18.72
CA PRO A 95 -13.95 15.87 -19.52
C PRO A 95 -13.42 15.37 -20.86
N ASP A 96 -13.00 16.28 -21.72
CA ASP A 96 -12.40 15.90 -22.99
C ASP A 96 -11.09 15.15 -22.72
N ASP A 97 -10.61 14.42 -23.72
CA ASP A 97 -9.34 13.72 -23.61
C ASP A 97 -8.22 14.70 -23.24
N PHE A 98 -7.25 14.24 -22.48
CA PHE A 98 -6.12 15.08 -22.11
C PHE A 98 -4.94 14.17 -21.76
N THR A 99 -3.76 14.77 -21.64
CA THR A 99 -2.56 14.06 -21.22
C THR A 99 -1.98 14.75 -19.99
N ILE A 100 -1.53 13.97 -19.00
CA ILE A 100 -0.99 14.56 -17.76
C ILE A 100 0.31 15.28 -18.08
N THR A 101 0.63 16.32 -17.31
CA THR A 101 1.81 17.11 -17.60
C THR A 101 2.81 17.07 -16.45
N THR A 102 2.59 16.17 -15.51
CA THR A 102 3.47 16.00 -14.36
C THR A 102 4.94 15.81 -14.75
N SER A 103 5.82 16.65 -14.23
CA SER A 103 7.24 16.53 -14.54
C SER A 103 8.08 16.53 -13.27
N GLY A 104 9.37 16.23 -13.40
CA GLY A 104 10.26 16.19 -12.25
C GLY A 104 10.11 14.90 -11.45
N VAL A 105 9.71 13.84 -12.12
CA VAL A 105 9.44 12.56 -11.46
C VAL A 105 10.60 11.59 -11.73
N ASP A 106 10.94 10.77 -10.73
CA ASP A 106 12.07 9.85 -10.82
C ASP A 106 11.76 8.64 -11.71
N ALA A 107 12.80 8.00 -12.22
CA ALA A 107 12.67 6.87 -13.14
C ALA A 107 11.90 5.66 -12.57
N GLU A 108 12.06 5.41 -11.27
CA GLU A 108 11.34 4.35 -10.57
C GLU A 108 9.83 4.47 -10.78
N ILE A 109 9.35 5.67 -11.05
CA ILE A 109 7.92 5.92 -11.17
C ILE A 109 7.48 6.00 -12.64
N THR A 110 8.24 6.73 -13.46
CA THR A 110 7.81 6.96 -14.83
C THR A 110 8.04 5.73 -15.72
N THR A 111 9.04 4.93 -15.36
CA THR A 111 9.55 3.95 -16.30
C THR A 111 9.57 2.53 -15.79
N THR A 112 10.13 2.32 -14.60
CA THR A 112 10.27 0.99 -14.08
C THR A 112 8.93 0.42 -13.63
N ALA A 113 8.65 -0.82 -14.03
CA ALA A 113 7.52 -1.56 -13.49
C ALA A 113 8.05 -2.59 -12.50
N GLY A 114 7.48 -2.61 -11.30
CA GLY A 114 7.92 -3.56 -10.28
C GLY A 114 7.09 -3.41 -9.03
N PRO A 115 7.30 -4.31 -8.06
CA PRO A 115 6.55 -4.29 -6.79
C PRO A 115 6.66 -2.96 -6.05
N GLN A 116 5.63 -2.62 -5.30
CA GLN A 116 5.61 -1.45 -4.42
C GLN A 116 5.21 -1.92 -3.03
N LEU A 117 6.10 -1.74 -2.07
CA LEU A 117 5.94 -2.22 -0.71
C LEU A 117 5.32 -1.14 0.19
N VAL A 118 4.34 -1.53 1.02
CA VAL A 118 3.71 -0.58 1.91
C VAL A 118 3.86 -1.06 3.34
N VAL A 119 4.43 -0.21 4.20
CA VAL A 119 4.67 -0.56 5.61
C VAL A 119 4.26 0.57 6.55
N PRO A 120 3.87 0.24 7.78
CA PRO A 120 3.55 1.23 8.81
C PRO A 120 4.80 2.02 9.23
N VAL A 121 4.73 3.34 9.12
CA VAL A 121 5.86 4.21 9.43
C VAL A 121 6.14 4.27 10.95
N LEU A 122 5.16 3.88 11.76
CA LEU A 122 5.33 3.88 13.21
C LEU A 122 6.29 2.78 13.69
N ASN A 123 6.47 1.75 12.87
CA ASN A 123 7.36 0.66 13.22
C ASN A 123 8.73 0.83 12.54
N ALA A 124 9.70 1.28 13.33
CA ALA A 124 10.98 1.72 12.76
C ALA A 124 11.73 0.60 12.06
N ARG A 125 11.66 -0.60 12.60
CA ARG A 125 12.37 -1.70 11.97
C ARG A 125 11.72 -2.16 10.66
N PHE A 126 10.39 -2.28 10.64
CA PHE A 126 9.71 -2.61 9.39
C PHE A 126 10.04 -1.57 8.32
N ALA A 127 9.98 -0.30 8.71
CA ALA A 127 10.26 0.79 7.79
C ALA A 127 11.67 0.71 7.21
N LEU A 128 12.65 0.49 8.09
CA LEU A 128 14.04 0.29 7.67
C LEU A 128 14.18 -0.90 6.72
N ASN A 129 13.62 -2.05 7.10
CA ASN A 129 13.64 -3.21 6.21
C ASN A 129 12.99 -2.93 4.86
N ALA A 130 11.96 -2.08 4.86
CA ALA A 130 11.25 -1.74 3.64
C ALA A 130 12.13 -0.88 2.72
N ALA A 131 12.76 0.13 3.29
CA ALA A 131 13.66 1.00 2.53
C ALA A 131 14.80 0.16 1.94
N ASN A 132 15.31 -0.80 2.70
CA ASN A 132 16.37 -1.69 2.24
C ASN A 132 15.91 -2.78 1.27
N ALA A 133 14.60 -2.89 1.09
CA ALA A 133 14.02 -3.97 0.31
C ALA A 133 14.12 -3.80 -1.22
N ARG A 134 14.88 -2.80 -1.68
CA ARG A 134 15.13 -2.61 -3.11
C ARG A 134 15.82 -3.84 -3.69
N TRP A 135 16.61 -4.53 -2.86
CA TRP A 135 17.27 -5.77 -3.24
C TRP A 135 16.90 -6.82 -2.20
N GLY A 136 16.63 -8.02 -2.68
CA GLY A 136 16.21 -9.11 -1.83
C GLY A 136 16.67 -10.44 -2.38
N SER A 137 16.97 -11.36 -1.47
CA SER A 137 17.46 -12.68 -1.83
C SER A 137 16.32 -13.56 -2.34
N LEU A 138 16.43 -14.01 -3.59
CA LEU A 138 15.49 -14.97 -4.12
C LEU A 138 15.60 -16.30 -3.39
N TYR A 139 16.82 -16.72 -3.06
CA TYR A 139 16.99 -18.01 -2.37
C TYR A 139 16.28 -17.98 -1.02
N ASP A 140 16.42 -16.89 -0.28
CA ASP A 140 15.76 -16.80 1.02
C ASP A 140 14.24 -16.76 0.87
N ALA A 141 13.75 -16.03 -0.12
CA ALA A 141 12.32 -15.96 -0.40
C ALA A 141 11.72 -17.34 -0.78
N LEU A 142 12.45 -18.11 -1.56
CA LEU A 142 11.99 -19.44 -1.95
C LEU A 142 12.13 -20.47 -0.82
N TYR A 143 13.31 -20.49 -0.18
CA TYR A 143 13.56 -21.43 0.91
C TYR A 143 12.59 -21.19 2.08
N GLY A 144 12.37 -19.92 2.44
CA GLY A 144 11.55 -19.59 3.60
C GLY A 144 10.04 -19.60 3.43
N THR A 145 9.54 -19.77 2.21
CA THR A 145 8.08 -19.77 1.99
C THR A 145 7.59 -21.05 1.30
N ASP A 146 6.28 -21.18 1.14
CA ASP A 146 5.73 -22.39 0.54
C ASP A 146 5.78 -22.39 -0.98
N VAL A 147 6.48 -21.44 -1.59
CA VAL A 147 6.65 -21.47 -3.04
C VAL A 147 7.36 -22.77 -3.41
N ILE A 148 8.33 -23.18 -2.61
CA ILE A 148 8.84 -24.56 -2.66
C ILE A 148 8.02 -25.34 -1.63
N PRO A 149 7.12 -26.21 -2.13
CA PRO A 149 6.23 -27.00 -1.27
C PRO A 149 7.02 -27.72 -0.20
N GLU A 150 6.51 -27.72 1.03
CA GLU A 150 7.14 -28.48 2.10
C GLU A 150 6.74 -29.97 2.08
N THR A 151 6.87 -30.59 0.91
CA THR A 151 6.61 -32.01 0.75
C THR A 151 7.64 -32.86 1.49
N ASP A 152 7.34 -34.14 1.63
CA ASP A 152 8.21 -35.11 2.28
C ASP A 152 9.66 -34.96 1.81
N GLY A 153 10.59 -34.90 2.76
CA GLY A 153 11.99 -34.76 2.43
C GLY A 153 12.43 -33.32 2.25
N ALA A 154 11.51 -32.43 1.90
CA ALA A 154 11.87 -31.05 1.57
C ALA A 154 11.33 -30.03 2.58
N GLU A 155 11.13 -30.46 3.82
CA GLU A 155 10.64 -29.55 4.85
C GLU A 155 11.79 -28.74 5.42
N LYS A 156 11.49 -27.52 5.89
CA LYS A 156 12.53 -26.75 6.57
C LYS A 156 12.63 -27.15 8.03
N GLY A 157 13.84 -27.54 8.43
CA GLY A 157 14.08 -27.96 9.81
C GLY A 157 14.91 -26.91 10.50
N PRO A 158 15.53 -27.28 11.63
CA PRO A 158 16.41 -26.36 12.40
C PRO A 158 17.62 -25.92 11.57
N THR A 159 18.08 -26.79 10.67
CA THR A 159 19.25 -26.52 9.85
C THR A 159 18.95 -26.70 8.36
N TYR A 160 19.93 -26.36 7.52
CA TYR A 160 19.78 -26.42 6.07
C TYR A 160 19.40 -27.81 5.58
N ASN A 161 18.29 -27.88 4.84
CA ASN A 161 17.85 -29.12 4.22
C ASN A 161 18.28 -29.07 2.76
N LYS A 162 19.22 -29.93 2.39
CA LYS A 162 19.80 -29.90 1.05
C LYS A 162 18.79 -30.23 -0.05
N VAL A 163 17.86 -31.14 0.23
CA VAL A 163 16.85 -31.50 -0.74
C VAL A 163 16.03 -30.26 -1.10
N ARG A 164 15.64 -29.52 -0.07
CA ARG A 164 14.91 -28.28 -0.26
C ARG A 164 15.74 -27.21 -0.98
N GLY A 165 16.98 -27.05 -0.55
CA GLY A 165 17.91 -26.13 -1.20
C GLY A 165 18.07 -26.39 -2.69
N ASP A 166 18.13 -27.68 -3.03
CA ASP A 166 18.28 -28.08 -4.43
C ASP A 166 17.07 -27.67 -5.25
N LYS A 167 15.88 -27.79 -4.66
CA LYS A 167 14.64 -27.34 -5.31
C LYS A 167 14.64 -25.82 -5.51
N VAL A 168 15.13 -25.12 -4.49
CA VAL A 168 15.30 -23.67 -4.59
C VAL A 168 16.22 -23.32 -5.75
N ILE A 169 17.38 -23.96 -5.80
CA ILE A 169 18.33 -23.72 -6.86
C ILE A 169 17.72 -23.98 -8.23
N ALA A 170 16.95 -25.07 -8.34
CA ALA A 170 16.38 -25.44 -9.64
C ALA A 170 15.30 -24.46 -10.08
N TYR A 171 14.57 -23.95 -9.09
CA TYR A 171 13.52 -22.99 -9.34
C TYR A 171 14.14 -21.74 -9.93
N ALA A 172 15.25 -21.32 -9.34
CA ALA A 172 15.93 -20.10 -9.77
C ALA A 172 16.62 -20.31 -11.11
N ARG A 173 17.08 -21.51 -11.41
CA ARG A 173 17.67 -21.75 -12.74
C ARG A 173 16.61 -21.60 -13.83
N LYS A 174 15.42 -22.14 -13.57
CA LYS A 174 14.29 -22.00 -14.49
C LYS A 174 13.90 -20.53 -14.69
N PHE A 175 13.81 -19.77 -13.60
CA PHE A 175 13.57 -18.33 -13.68
C PHE A 175 14.59 -17.64 -14.58
N LEU A 176 15.87 -17.92 -14.37
CA LEU A 176 16.93 -17.37 -15.19
C LEU A 176 16.78 -17.76 -16.67
N ASP A 177 16.53 -19.04 -16.94
CA ASP A 177 16.26 -19.48 -18.31
C ASP A 177 15.13 -18.68 -18.94
N ASP A 178 14.03 -18.49 -18.20
CA ASP A 178 12.90 -17.76 -18.74
C ASP A 178 13.17 -16.25 -18.91
N SER A 179 13.94 -15.66 -18.00
CA SER A 179 14.13 -14.21 -18.00
C SER A 179 15.27 -13.72 -18.88
N VAL A 180 16.39 -14.44 -18.84
CA VAL A 180 17.58 -14.01 -19.56
C VAL A 180 18.17 -15.23 -20.27
N PRO A 181 17.52 -15.67 -21.38
CA PRO A 181 17.85 -16.95 -22.03
C PRO A 181 19.28 -17.03 -22.56
N LEU A 182 19.92 -18.19 -22.45
CA LEU A 182 21.19 -18.44 -23.13
C LEU A 182 20.95 -18.65 -24.63
N SER A 183 21.99 -18.41 -25.43
CA SER A 183 21.90 -18.65 -26.87
C SER A 183 21.60 -20.12 -27.14
N SER A 184 22.24 -20.99 -26.39
CA SER A 184 21.91 -22.41 -26.42
C SER A 184 22.14 -22.98 -25.03
N GLY A 185 21.45 -24.05 -24.69
CA GLY A 185 21.62 -24.68 -23.39
C GLY A 185 20.87 -23.96 -22.28
N SER A 186 21.08 -24.44 -21.05
CA SER A 186 20.34 -23.95 -19.89
C SER A 186 21.27 -23.52 -18.78
N PHE A 187 20.88 -22.49 -18.04
CA PHE A 187 21.61 -22.10 -16.84
C PHE A 187 21.75 -23.27 -15.87
N GLY A 188 20.79 -24.19 -15.91
CA GLY A 188 20.83 -25.36 -15.05
C GLY A 188 22.11 -26.17 -15.22
N ASP A 189 22.75 -26.02 -16.38
CA ASP A 189 23.95 -26.77 -16.70
C ASP A 189 25.23 -25.91 -16.67
N ALA A 190 25.11 -24.66 -16.23
CA ALA A 190 26.27 -23.77 -16.18
C ALA A 190 27.34 -24.30 -15.21
N THR A 191 28.61 -24.09 -15.54
CA THR A 191 29.71 -24.51 -14.69
C THR A 191 30.50 -23.29 -14.26
N GLY A 192 30.25 -22.17 -14.92
CA GLY A 192 30.97 -20.96 -14.61
C GLY A 192 30.59 -19.77 -15.45
N PHE A 193 31.00 -18.59 -15.00
CA PHE A 193 30.72 -17.34 -15.68
C PHE A 193 32.04 -16.58 -15.83
N THR A 194 32.26 -15.99 -17.00
CA THR A 194 33.38 -15.07 -17.21
C THR A 194 32.95 -13.91 -18.09
N VAL A 195 33.72 -12.84 -18.06
CA VAL A 195 33.43 -11.70 -18.92
C VAL A 195 34.55 -11.57 -19.93
N GLN A 196 34.20 -11.63 -21.21
CA GLN A 196 35.20 -11.65 -22.26
C GLN A 196 34.86 -10.60 -23.30
N ASP A 197 35.72 -9.60 -23.43
CA ASP A 197 35.51 -8.49 -24.37
C ASP A 197 34.14 -7.86 -24.20
N GLY A 198 33.76 -7.66 -22.93
CA GLY A 198 32.51 -6.99 -22.61
C GLY A 198 31.27 -7.84 -22.75
N GLN A 199 31.44 -9.13 -23.08
CA GLN A 199 30.32 -10.04 -23.23
C GLN A 199 30.29 -11.03 -22.09
N LEU A 200 29.11 -11.37 -21.59
CA LEU A 200 29.01 -12.42 -20.61
C LEU A 200 29.16 -13.78 -21.31
N VAL A 201 30.03 -14.62 -20.75
CA VAL A 201 30.22 -15.97 -21.25
C VAL A 201 29.90 -16.97 -20.17
N VAL A 202 29.07 -17.93 -20.52
CA VAL A 202 28.64 -18.99 -19.61
C VAL A 202 29.12 -20.34 -20.11
N ALA A 203 29.87 -21.03 -19.26
CA ALA A 203 30.44 -22.31 -19.61
C ALA A 203 29.43 -23.42 -19.33
N LEU A 204 29.23 -24.28 -20.32
CA LEU A 204 28.38 -25.46 -20.21
C LEU A 204 29.32 -26.67 -20.19
N PRO A 205 28.78 -27.89 -19.99
CA PRO A 205 29.75 -28.99 -19.91
C PRO A 205 30.53 -29.20 -21.21
N ASP A 206 29.86 -29.03 -22.33
CA ASP A 206 30.46 -29.37 -23.62
C ASP A 206 30.73 -28.16 -24.51
N LYS A 207 30.46 -26.96 -24.00
CA LYS A 207 30.64 -25.73 -24.78
C LYS A 207 30.47 -24.49 -23.92
N SER A 208 30.75 -23.32 -24.49
CA SER A 208 30.44 -22.06 -23.84
C SER A 208 29.43 -21.29 -24.68
N THR A 209 28.68 -20.39 -24.05
CA THR A 209 27.59 -19.72 -24.74
C THR A 209 27.40 -18.31 -24.18
N GLY A 210 26.79 -17.44 -24.97
CA GLY A 210 26.46 -16.11 -24.52
C GLY A 210 24.97 -16.00 -24.31
N LEU A 211 24.49 -14.81 -23.95
CA LEU A 211 23.06 -14.57 -23.83
C LEU A 211 22.44 -14.44 -25.22
N ALA A 212 21.18 -14.87 -25.36
CA ALA A 212 20.49 -14.69 -26.64
C ALA A 212 20.32 -13.20 -26.92
N ASN A 213 20.35 -12.40 -25.86
CA ASN A 213 20.30 -10.95 -25.98
C ASN A 213 21.40 -10.36 -25.11
N PRO A 214 22.58 -10.15 -25.69
CA PRO A 214 23.78 -9.75 -24.94
C PRO A 214 23.58 -8.45 -24.20
N GLY A 215 22.62 -7.64 -24.62
CA GLY A 215 22.29 -6.39 -23.95
C GLY A 215 21.65 -6.57 -22.59
N GLN A 216 21.29 -7.80 -22.22
CA GLN A 216 20.77 -8.07 -20.88
C GLN A 216 21.91 -8.20 -19.87
N PHE A 217 23.15 -8.18 -20.35
CA PHE A 217 24.32 -8.16 -19.47
C PHE A 217 24.55 -6.72 -19.05
N ALA A 218 24.42 -6.45 -17.76
CA ALA A 218 24.50 -5.07 -17.27
C ALA A 218 25.79 -4.78 -16.50
N GLY A 219 26.43 -5.82 -15.98
CA GLY A 219 27.66 -5.63 -15.24
C GLY A 219 28.08 -6.82 -14.41
N TYR A 220 29.10 -6.61 -13.58
CA TYR A 220 29.65 -7.66 -12.73
C TYR A 220 30.47 -7.05 -11.59
N THR A 221 30.86 -7.86 -10.61
CA THR A 221 31.83 -7.44 -9.60
C THR A 221 32.96 -8.46 -9.59
N GLY A 222 34.12 -8.09 -9.06
CA GLY A 222 35.26 -8.99 -9.02
C GLY A 222 35.99 -9.06 -10.35
N ALA A 223 36.94 -9.99 -10.46
CA ALA A 223 37.73 -10.14 -11.68
C ALA A 223 36.87 -10.66 -12.82
N ALA A 224 37.01 -10.06 -14.00
CA ALA A 224 36.25 -10.48 -15.18
C ALA A 224 36.41 -11.96 -15.49
N GLU A 225 37.60 -12.51 -15.19
CA GLU A 225 37.87 -13.91 -15.53
C GLU A 225 37.51 -14.85 -14.37
N SER A 226 37.06 -14.27 -13.26
CA SER A 226 36.55 -15.07 -12.14
C SER A 226 35.68 -14.19 -11.23
N PRO A 227 34.50 -13.77 -11.75
CA PRO A 227 33.66 -12.74 -11.13
C PRO A 227 33.09 -13.20 -9.81
N THR A 228 32.83 -12.26 -8.90
CA THR A 228 32.17 -12.59 -7.65
C THR A 228 30.65 -12.47 -7.85
N SER A 229 30.26 -11.72 -8.86
CA SER A 229 28.85 -11.69 -9.24
C SER A 229 28.65 -11.19 -10.67
N VAL A 230 27.51 -11.56 -11.24
CA VAL A 230 27.14 -11.03 -12.55
C VAL A 230 25.75 -10.38 -12.47
N LEU A 231 25.65 -9.21 -13.08
CA LEU A 231 24.46 -8.39 -13.01
C LEU A 231 23.79 -8.44 -14.36
N LEU A 232 22.51 -8.78 -14.36
CA LEU A 232 21.71 -8.85 -15.56
C LEU A 232 20.56 -7.87 -15.42
N ILE A 233 19.96 -7.52 -16.55
CA ILE A 233 18.77 -6.72 -16.53
C ILE A 233 17.72 -7.33 -17.48
N ASN A 234 16.48 -7.33 -17.02
CA ASN A 234 15.36 -7.78 -17.85
C ASN A 234 14.15 -6.94 -17.53
N HIS A 235 13.47 -6.43 -18.57
CA HIS A 235 12.34 -5.52 -18.40
C HIS A 235 12.62 -4.39 -17.42
N GLY A 236 13.85 -3.90 -17.41
CA GLY A 236 14.21 -2.76 -16.57
C GLY A 236 14.55 -3.11 -15.13
N LEU A 237 14.47 -4.39 -14.78
CA LEU A 237 14.74 -4.82 -13.41
C LEU A 237 16.01 -5.63 -13.35
N HIS A 238 16.81 -5.40 -12.31
CA HIS A 238 18.10 -6.07 -12.22
C HIS A 238 18.02 -7.40 -11.51
N ILE A 239 18.92 -8.28 -11.91
CA ILE A 239 19.03 -9.59 -11.35
C ILE A 239 20.52 -9.77 -11.10
N GLU A 240 20.90 -10.16 -9.89
CA GLU A 240 22.31 -10.39 -9.62
C GLU A 240 22.57 -11.82 -9.21
N ILE A 241 23.47 -12.49 -9.94
CA ILE A 241 23.87 -13.84 -9.58
C ILE A 241 25.12 -13.73 -8.71
N LEU A 242 25.05 -14.19 -7.46
CA LEU A 242 26.21 -14.11 -6.58
C LEU A 242 27.02 -15.39 -6.73
N ILE A 243 28.31 -15.25 -6.99
CA ILE A 243 29.13 -16.42 -7.23
C ILE A 243 30.09 -16.64 -6.09
N ASP A 244 29.92 -17.74 -5.38
CA ASP A 244 30.83 -18.05 -4.27
C ASP A 244 30.82 -19.54 -3.95
N PRO A 245 31.71 -20.29 -4.62
CA PRO A 245 31.82 -21.74 -4.49
C PRO A 245 32.11 -22.19 -3.05
N GLU A 246 32.68 -21.31 -2.24
CA GLU A 246 33.05 -21.67 -0.89
C GLU A 246 31.99 -21.28 0.14
N SER A 247 30.82 -20.90 -0.36
CA SER A 247 29.72 -20.57 0.55
C SER A 247 28.92 -21.85 0.84
N GLN A 248 28.06 -21.77 1.84
CA GLN A 248 27.31 -22.95 2.28
C GLN A 248 26.37 -23.48 1.18
N VAL A 249 25.82 -22.58 0.36
CA VAL A 249 25.01 -23.00 -0.77
C VAL A 249 25.88 -23.14 -2.03
N GLY A 250 26.80 -22.21 -2.23
CA GLY A 250 27.64 -22.23 -3.43
C GLY A 250 28.37 -23.55 -3.59
N THR A 251 28.84 -24.10 -2.46
CA THR A 251 29.56 -25.37 -2.47
C THR A 251 28.78 -26.54 -3.07
N THR A 252 27.44 -26.47 -3.04
CA THR A 252 26.63 -27.55 -3.61
C THR A 252 26.19 -27.24 -5.04
N ASP A 253 26.55 -26.06 -5.54
CA ASP A 253 26.05 -25.62 -6.83
C ASP A 253 27.05 -25.87 -7.95
N ARG A 254 26.54 -26.32 -9.10
CA ARG A 254 27.39 -26.68 -10.23
C ARG A 254 28.24 -25.53 -10.76
N ALA A 255 27.79 -24.30 -10.52
CA ALA A 255 28.52 -23.12 -10.97
C ALA A 255 29.08 -22.34 -9.78
N GLY A 256 28.88 -22.87 -8.59
CA GLY A 256 29.32 -22.19 -7.38
C GLY A 256 28.46 -20.99 -7.02
N VAL A 257 27.27 -20.93 -7.60
CA VAL A 257 26.33 -19.84 -7.29
C VAL A 257 25.81 -19.88 -5.85
N LYS A 258 25.91 -18.75 -5.18
CA LYS A 258 25.51 -18.63 -3.78
C LYS A 258 24.05 -18.20 -3.62
N ASP A 259 23.59 -17.32 -4.51
CA ASP A 259 22.26 -16.74 -4.37
C ASP A 259 21.94 -16.02 -5.66
N VAL A 260 20.67 -15.72 -5.86
CA VAL A 260 20.25 -14.82 -6.91
C VAL A 260 19.50 -13.67 -6.24
N ILE A 261 19.97 -12.43 -6.44
CA ILE A 261 19.39 -11.26 -5.79
C ILE A 261 18.53 -10.53 -6.79
N LEU A 262 17.28 -10.25 -6.43
CA LEU A 262 16.40 -9.54 -7.34
C LEU A 262 16.19 -8.11 -6.89
N GLU A 263 16.21 -7.20 -7.85
CA GLU A 263 15.66 -5.88 -7.59
C GLU A 263 14.16 -6.10 -7.34
N SER A 264 13.70 -5.74 -6.14
CA SER A 264 12.38 -6.15 -5.64
C SER A 264 11.45 -4.96 -5.42
N ALA A 265 11.56 -4.33 -4.27
CA ALA A 265 10.67 -3.20 -3.96
C ALA A 265 11.28 -1.96 -4.57
N ILE A 266 10.84 -1.63 -5.77
CA ILE A 266 11.35 -0.47 -6.48
C ILE A 266 10.99 0.80 -5.71
N THR A 267 9.76 0.85 -5.21
CA THR A 267 9.28 1.97 -4.42
C THR A 267 8.62 1.42 -3.17
N THR A 268 8.64 2.24 -2.12
CA THR A 268 8.03 1.89 -0.85
C THR A 268 7.11 3.02 -0.39
N ILE A 269 5.97 2.66 0.19
CA ILE A 269 5.10 3.66 0.76
C ILE A 269 5.16 3.59 2.28
N MET A 270 5.65 4.67 2.89
CA MET A 270 5.70 4.76 4.35
C MET A 270 4.35 5.26 4.80
N ASP A 271 3.61 4.43 5.52
CA ASP A 271 2.19 4.67 5.73
C ASP A 271 1.89 5.34 7.07
N PHE A 272 1.24 6.50 7.02
CA PHE A 272 0.65 7.15 8.20
C PHE A 272 -0.86 6.87 8.34
N GLU A 273 -1.44 6.14 7.38
CA GLU A 273 -2.89 5.93 7.39
C GLU A 273 -3.29 4.54 7.89
N ASP A 274 -3.89 3.72 7.03
CA ASP A 274 -4.61 2.52 7.47
C ASP A 274 -3.78 1.41 8.14
N SER A 275 -2.47 1.43 7.99
CA SER A 275 -1.68 0.40 8.66
C SER A 275 -1.05 0.86 9.99
N VAL A 276 -1.36 2.08 10.44
CA VAL A 276 -0.85 2.54 11.74
C VAL A 276 -1.98 3.02 12.65
N ALA A 277 -1.69 3.04 13.95
CA ALA A 277 -2.61 3.56 14.94
C ALA A 277 -2.00 4.81 15.60
N ALA A 278 -2.47 5.98 15.22
CA ALA A 278 -1.92 7.23 15.76
C ALA A 278 -3.04 8.18 16.17
N VAL A 279 -3.35 8.22 17.45
CA VAL A 279 -4.56 8.93 17.89
C VAL A 279 -4.27 10.25 18.58
N ASP A 280 -2.99 10.57 18.75
CA ASP A 280 -2.61 11.81 19.46
C ASP A 280 -1.23 12.31 19.06
N ALA A 281 -0.82 13.42 19.67
CA ALA A 281 0.45 14.04 19.30
C ALA A 281 1.63 13.11 19.52
N ALA A 282 1.60 12.32 20.60
CA ALA A 282 2.69 11.40 20.89
C ALA A 282 2.85 10.37 19.77
N ASP A 283 1.73 9.80 19.36
CA ASP A 283 1.76 8.81 18.27
C ASP A 283 2.24 9.42 16.95
N LYS A 284 1.73 10.60 16.61
CA LYS A 284 2.13 11.28 15.38
C LYS A 284 3.63 11.59 15.37
N VAL A 285 4.16 12.08 16.49
CA VAL A 285 5.58 12.41 16.60
C VAL A 285 6.45 11.17 16.36
N LEU A 286 6.07 10.04 16.95
CA LEU A 286 6.80 8.80 16.73
C LEU A 286 6.84 8.46 15.25
N GLY A 287 5.72 8.67 14.55
CA GLY A 287 5.69 8.47 13.12
C GLY A 287 6.52 9.49 12.35
N TYR A 288 6.32 10.77 12.65
CA TYR A 288 7.08 11.82 11.99
C TYR A 288 8.58 11.62 12.19
N ARG A 289 8.98 11.25 13.40
CA ARG A 289 10.41 11.03 13.69
C ARG A 289 10.98 9.91 12.82
N ASN A 290 10.22 8.84 12.61
CA ASN A 290 10.69 7.76 11.74
C ASN A 290 10.81 8.24 10.29
N TRP A 291 9.78 8.92 9.81
CA TRP A 291 9.81 9.54 8.49
C TRP A 291 11.03 10.49 8.38
N LEU A 292 11.30 11.28 9.44
CA LEU A 292 12.48 12.15 9.45
C LEU A 292 13.79 11.36 9.31
N GLY A 293 13.97 10.34 10.13
CA GLY A 293 15.17 9.52 10.06
C GLY A 293 15.39 8.87 8.68
N LEU A 294 14.29 8.49 8.04
CA LEU A 294 14.37 7.87 6.73
C LEU A 294 14.87 8.90 5.74
N ASN A 295 14.26 10.08 5.73
CA ASN A 295 14.69 11.14 4.82
C ASN A 295 16.09 11.72 5.08
N LYS A 296 16.51 11.73 6.35
CA LYS A 296 17.88 12.15 6.67
C LYS A 296 18.85 11.00 6.47
N GLY A 297 18.33 9.79 6.40
CA GLY A 297 19.16 8.63 6.17
C GLY A 297 19.82 8.10 7.42
N ASP A 298 19.44 8.64 8.57
CA ASP A 298 20.06 8.22 9.82
C ASP A 298 19.16 7.40 10.71
N LEU A 299 18.05 6.88 10.17
CA LEU A 299 17.20 6.04 10.99
C LEU A 299 17.95 4.78 11.37
N ALA A 300 17.90 4.44 12.64
CA ALA A 300 18.56 3.26 13.17
C ALA A 300 17.68 2.65 14.25
N ALA A 301 17.40 1.36 14.12
CA ALA A 301 16.52 0.67 15.07
C ALA A 301 17.22 -0.51 15.77
N ARG A 312 20.35 -1.80 13.49
CA ARG A 312 19.98 -1.87 12.07
C ARG A 312 19.92 -0.48 11.44
N VAL A 313 20.47 -0.36 10.22
CA VAL A 313 20.60 0.91 9.51
C VAL A 313 20.22 0.84 8.02
N LEU A 314 20.22 1.99 7.36
CA LEU A 314 19.89 2.08 5.94
C LEU A 314 21.07 1.70 5.06
N ASN A 315 20.79 0.92 4.02
CA ASN A 315 21.82 0.46 3.09
C ASN A 315 22.43 1.57 2.22
N ARG A 316 23.70 1.37 1.84
CA ARG A 316 24.37 2.26 0.90
C ARG A 316 24.07 1.80 -0.52
N ASP A 317 24.58 2.54 -1.50
CA ASP A 317 24.39 2.18 -2.90
C ASP A 317 25.28 1.01 -3.32
N ARG A 318 24.87 0.30 -4.37
CA ARG A 318 25.59 -0.88 -4.82
C ARG A 318 26.57 -0.52 -5.95
N ASN A 319 27.81 -0.98 -5.84
CA ASN A 319 28.81 -0.69 -6.88
C ASN A 319 29.04 -1.85 -7.84
N TYR A 320 29.05 -1.54 -9.14
CA TYR A 320 29.31 -2.54 -10.16
C TYR A 320 30.39 -2.11 -11.11
N THR A 321 30.92 -3.09 -11.84
CA THR A 321 31.79 -2.82 -12.96
C THR A 321 30.94 -3.01 -14.22
N ALA A 322 31.00 -2.06 -15.14
CA ALA A 322 30.25 -2.11 -16.40
C ALA A 322 30.85 -3.19 -17.31
N PRO A 323 30.06 -3.69 -18.28
CA PRO A 323 30.60 -4.71 -19.20
C PRO A 323 31.95 -4.30 -19.80
N GLY A 324 32.05 -3.04 -20.25
CA GLY A 324 33.29 -2.50 -20.78
C GLY A 324 34.41 -2.32 -19.77
N GLY A 325 34.09 -2.44 -18.49
CA GLY A 325 35.09 -2.34 -17.45
C GLY A 325 35.07 -1.07 -16.59
N GLY A 326 34.25 -0.08 -16.98
CA GLY A 326 34.06 1.11 -16.18
C GLY A 326 33.30 0.86 -14.88
N GLN A 327 33.13 1.89 -14.07
CA GLN A 327 32.49 1.74 -12.77
C GLN A 327 31.14 2.45 -12.73
N PHE A 328 30.15 1.84 -12.07
CA PHE A 328 28.88 2.52 -11.84
C PHE A 328 28.16 2.07 -10.57
N THR A 329 27.09 2.77 -10.27
CA THR A 329 26.37 2.56 -9.02
C THR A 329 24.87 2.39 -9.30
N LEU A 330 24.21 1.56 -8.50
CA LEU A 330 22.75 1.47 -8.50
C LEU A 330 22.23 1.78 -7.09
N PRO A 331 21.02 2.34 -7.01
CA PRO A 331 20.46 2.68 -5.69
C PRO A 331 20.29 1.45 -4.82
N GLY A 332 20.67 1.54 -3.56
CA GLY A 332 20.54 0.44 -2.63
C GLY A 332 19.24 0.53 -1.84
N ARG A 333 18.45 1.58 -2.09
CA ARG A 333 17.24 1.81 -1.33
C ARG A 333 16.02 1.99 -2.23
N SER A 334 14.86 1.62 -1.70
CA SER A 334 13.61 1.88 -2.36
C SER A 334 13.38 3.38 -2.43
N LEU A 335 12.81 3.87 -3.53
CA LEU A 335 12.35 5.26 -3.58
C LEU A 335 11.10 5.40 -2.71
N MET A 336 11.07 6.41 -1.85
CA MET A 336 10.02 6.49 -0.83
C MET A 336 8.88 7.44 -1.11
N PHE A 337 7.66 6.92 -0.98
CA PHE A 337 6.46 7.76 -0.90
C PHE A 337 6.06 7.82 0.57
N VAL A 338 5.25 8.80 0.94
CA VAL A 338 4.58 8.76 2.22
C VAL A 338 3.07 8.79 2.00
N ARG A 339 2.32 7.98 2.73
CA ARG A 339 0.87 8.07 2.62
C ARG A 339 0.33 8.88 3.78
N ASN A 340 -0.26 10.03 3.48
CA ASN A 340 -0.88 10.90 4.49
C ASN A 340 -2.25 10.37 4.82
N VAL A 341 -2.87 10.79 5.91
CA VAL A 341 -4.27 10.43 6.11
C VAL A 341 -5.18 11.22 5.17
N GLY A 342 -6.43 10.79 5.04
CA GLY A 342 -7.39 11.44 4.16
C GLY A 342 -8.08 12.63 4.80
N HIS A 343 -9.16 13.10 4.16
CA HIS A 343 -9.83 14.35 4.51
C HIS A 343 -10.70 14.31 5.78
N LEU A 344 -11.00 13.11 6.27
CA LEU A 344 -12.02 12.97 7.32
C LEU A 344 -11.60 13.38 8.74
N MET A 345 -10.52 12.79 9.24
CA MET A 345 -10.28 12.79 10.67
C MET A 345 -9.65 14.07 11.16
N THR A 346 -10.00 14.43 12.38
CA THR A 346 -9.28 15.44 13.12
C THR A 346 -8.37 14.75 14.15
N ASN A 347 -7.46 15.51 14.74
CA ASN A 347 -6.53 14.96 15.71
C ASN A 347 -6.19 16.05 16.72
N ASP A 348 -6.21 15.73 18.01
CA ASP A 348 -6.00 16.78 19.01
C ASP A 348 -4.52 17.12 19.24
N ALA A 349 -3.66 16.65 18.34
CA ALA A 349 -2.27 17.14 18.29
C ALA A 349 -2.30 18.66 18.16
N ILE A 350 -3.28 19.16 17.43
CA ILE A 350 -3.53 20.60 17.39
C ILE A 350 -5.01 20.84 17.60
N VAL A 351 -5.32 21.81 18.44
CA VAL A 351 -6.68 22.28 18.62
C VAL A 351 -6.74 23.78 18.42
N ASP A 352 -7.91 24.31 18.13
CA ASP A 352 -8.05 25.75 18.05
C ASP A 352 -8.46 26.29 19.43
N THR A 353 -8.79 27.58 19.46
CA THR A 353 -9.09 28.25 20.73
C THR A 353 -10.45 27.83 21.33
N ASP A 354 -11.28 27.18 20.54
CA ASP A 354 -12.56 26.64 21.01
C ASP A 354 -12.41 25.21 21.55
N GLY A 355 -11.24 24.61 21.36
CA GLY A 355 -11.04 23.23 21.72
C GLY A 355 -11.28 22.27 20.55
N SER A 356 -11.61 22.83 19.39
CA SER A 356 -11.87 21.99 18.21
C SER A 356 -10.58 21.45 17.62
N GLU A 357 -10.55 20.14 17.38
CA GLU A 357 -9.37 19.49 16.81
C GLU A 357 -9.16 19.94 15.37
N VAL A 358 -7.92 19.97 14.93
CA VAL A 358 -7.59 20.38 13.58
C VAL A 358 -7.63 19.16 12.64
N PHE A 359 -8.01 19.36 11.39
CA PHE A 359 -7.95 18.29 10.39
C PHE A 359 -6.54 17.69 10.23
N GLU A 360 -6.43 16.39 10.44
CA GLU A 360 -5.17 15.67 10.38
C GLU A 360 -4.56 15.64 8.97
N GLY A 361 -5.40 15.63 7.95
CA GLY A 361 -4.90 15.65 6.58
C GLY A 361 -4.12 16.94 6.29
N ILE A 362 -4.66 18.06 6.74
CA ILE A 362 -3.99 19.34 6.57
C ILE A 362 -2.65 19.33 7.32
N MET A 363 -2.65 18.80 8.54
CA MET A 363 -1.44 18.69 9.36
C MET A 363 -0.37 17.81 8.71
N ASP A 364 -0.78 16.64 8.23
CA ASP A 364 0.14 15.70 7.59
C ASP A 364 0.83 16.30 6.37
N ALA A 365 0.09 17.06 5.58
CA ALA A 365 0.66 17.64 4.38
C ALA A 365 1.77 18.59 4.81
N LEU A 366 1.47 19.42 5.81
CA LEU A 366 2.45 20.36 6.34
C LEU A 366 3.67 19.68 6.95
N PHE A 367 3.44 18.73 7.85
CA PHE A 367 4.56 18.09 8.53
C PHE A 367 5.32 17.05 7.69
N THR A 368 4.64 16.15 6.99
CA THR A 368 5.38 15.16 6.21
C THR A 368 6.06 15.82 5.02
N GLY A 369 5.44 16.87 4.49
CA GLY A 369 6.05 17.69 3.47
C GLY A 369 7.30 18.41 3.98
N LEU A 370 7.22 19.02 5.17
CA LEU A 370 8.40 19.64 5.78
C LEU A 370 9.55 18.65 5.89
N ILE A 371 9.27 17.53 6.55
CA ILE A 371 10.25 16.50 6.77
C ILE A 371 10.83 15.95 5.46
N ALA A 372 9.99 15.81 4.44
CA ALA A 372 10.44 15.29 3.15
C ALA A 372 11.52 16.15 2.49
N ILE A 373 11.61 17.42 2.88
CA ILE A 373 12.64 18.31 2.34
C ILE A 373 14.02 17.74 2.58
N HIS A 374 14.21 17.12 3.75
CA HIS A 374 15.46 16.43 4.04
C HIS A 374 15.81 15.32 3.03
N GLY A 375 14.81 14.73 2.40
CA GLY A 375 15.07 13.65 1.46
C GLY A 375 15.48 14.16 0.09
N LEU A 376 15.42 15.48 -0.07
CA LEU A 376 15.86 16.16 -1.29
C LEU A 376 17.29 16.69 -1.13
N LYS A 377 17.85 16.52 0.05
CA LYS A 377 19.22 16.94 0.33
C LYS A 377 20.04 15.71 0.63
N ALA A 378 21.35 15.85 0.48
CA ALA A 378 22.23 14.70 0.68
C ALA A 378 22.29 14.38 2.16
N SER A 379 22.07 13.10 2.47
CA SER A 379 22.21 12.62 3.83
C SER A 379 23.65 12.85 4.27
N ASP A 380 23.82 13.55 5.39
CA ASP A 380 25.15 13.75 5.96
C ASP A 380 25.65 12.43 6.54
N VAL A 381 24.75 11.46 6.67
CA VAL A 381 25.05 10.20 7.32
C VAL A 381 25.33 9.09 6.32
N ASN A 382 24.45 8.09 6.26
CA ASN A 382 24.65 6.93 5.39
C ASN A 382 24.45 7.26 3.92
N GLY A 383 24.47 8.56 3.60
CA GLY A 383 24.24 9.04 2.26
C GLY A 383 25.36 8.75 1.29
N PRO A 384 25.47 9.59 0.23
CA PRO A 384 24.65 10.76 -0.04
C PRO A 384 23.40 10.41 -0.83
N LEU A 385 22.57 9.56 -0.24
CA LEU A 385 21.34 9.08 -0.85
C LEU A 385 20.28 10.18 -0.79
N ILE A 386 19.93 10.67 -1.96
CA ILE A 386 18.83 11.59 -2.05
C ILE A 386 17.59 10.78 -2.42
N ASN A 387 16.54 10.85 -1.60
CA ASN A 387 15.32 10.14 -1.95
C ASN A 387 14.89 10.48 -3.36
N SER A 388 14.52 11.73 -3.62
CA SER A 388 14.18 12.12 -4.98
C SER A 388 15.25 12.96 -5.61
N ARG A 389 15.94 12.40 -6.60
CA ARG A 389 16.98 13.16 -7.30
C ARG A 389 16.34 14.23 -8.18
N THR A 390 15.11 13.99 -8.62
CA THR A 390 14.48 14.93 -9.53
C THR A 390 13.73 16.07 -8.83
N GLY A 391 13.79 16.08 -7.50
CA GLY A 391 13.24 17.20 -6.74
C GLY A 391 11.74 17.15 -6.45
N SER A 392 11.16 15.94 -6.41
CA SER A 392 9.75 15.79 -6.08
C SER A 392 9.54 15.19 -4.69
N ILE A 393 8.40 15.52 -4.09
CA ILE A 393 7.98 14.89 -2.85
C ILE A 393 6.73 14.06 -3.17
N TYR A 394 6.75 12.78 -2.84
CA TYR A 394 5.67 11.88 -3.25
C TYR A 394 4.69 11.54 -2.13
N ILE A 395 3.49 12.08 -2.20
CA ILE A 395 2.53 11.84 -1.16
C ILE A 395 1.33 11.08 -1.74
N VAL A 396 0.99 9.96 -1.11
CA VAL A 396 -0.23 9.25 -1.47
C VAL A 396 -1.39 9.81 -0.65
N LYS A 397 -2.43 10.25 -1.34
CA LYS A 397 -3.62 10.75 -0.68
C LYS A 397 -4.76 9.73 -0.77
N PRO A 398 -5.11 9.12 0.36
CA PRO A 398 -6.14 8.08 0.34
C PRO A 398 -7.53 8.65 0.51
N LYS A 399 -8.52 7.83 0.22
CA LYS A 399 -9.91 8.06 0.62
C LYS A 399 -10.53 9.35 0.08
N MET A 400 -10.11 9.75 -1.10
CA MET A 400 -10.74 10.91 -1.72
C MET A 400 -12.01 10.49 -2.48
N HIS A 401 -13.03 11.34 -2.40
CA HIS A 401 -14.31 11.10 -3.06
C HIS A 401 -14.57 12.16 -4.11
N GLY A 402 -14.15 11.90 -5.35
CA GLY A 402 -14.52 12.77 -6.44
C GLY A 402 -13.53 13.87 -6.75
N PRO A 403 -13.70 14.52 -7.91
CA PRO A 403 -12.77 15.54 -8.43
C PRO A 403 -12.66 16.83 -7.58
N ALA A 404 -13.72 17.25 -6.89
CA ALA A 404 -13.58 18.45 -6.04
C ALA A 404 -12.65 18.17 -4.86
N GLU A 405 -12.72 16.97 -4.31
CA GLU A 405 -11.80 16.57 -3.26
C GLU A 405 -10.34 16.47 -3.77
N VAL A 406 -10.15 16.03 -5.02
CA VAL A 406 -8.79 16.04 -5.58
C VAL A 406 -8.27 17.47 -5.78
N ALA A 407 -9.15 18.35 -6.26
CA ALA A 407 -8.83 19.77 -6.41
C ALA A 407 -8.39 20.36 -5.09
N PHE A 408 -9.12 20.02 -4.04
CA PHE A 408 -8.82 20.55 -2.72
C PHE A 408 -7.44 20.06 -2.25
N THR A 409 -7.11 18.80 -2.49
CA THR A 409 -5.76 18.31 -2.13
C THR A 409 -4.66 19.08 -2.88
N CYS A 410 -4.90 19.35 -4.16
CA CYS A 410 -4.05 20.22 -4.98
C CYS A 410 -3.80 21.56 -4.31
N GLU A 411 -4.89 22.24 -3.98
CA GLU A 411 -4.80 23.55 -3.34
C GLU A 411 -4.04 23.44 -2.03
N LEU A 412 -4.33 22.42 -1.24
CA LEU A 412 -3.60 22.19 0.00
C LEU A 412 -2.11 22.09 -0.27
N PHE A 413 -1.73 21.24 -1.22
CA PHE A 413 -0.33 21.03 -1.56
C PHE A 413 0.31 22.34 -2.06
N SER A 414 -0.43 23.10 -2.86
CA SER A 414 0.07 24.39 -3.35
C SER A 414 0.35 25.37 -2.21
N ARG A 415 -0.57 25.47 -1.24
CA ARG A 415 -0.39 26.34 -0.07
C ARG A 415 0.75 25.88 0.85
N VAL A 416 0.95 24.58 0.94
CA VAL A 416 2.04 24.03 1.75
C VAL A 416 3.39 24.34 1.10
N GLU A 417 3.46 24.14 -0.22
CA GLU A 417 4.68 24.47 -0.97
C GLU A 417 5.09 25.94 -0.71
N ASP A 418 4.12 26.83 -0.69
CA ASP A 418 4.38 28.23 -0.36
C ASP A 418 4.90 28.40 1.06
N VAL A 419 4.27 27.77 2.04
CA VAL A 419 4.76 27.83 3.41
C VAL A 419 6.18 27.28 3.54
N LEU A 420 6.48 26.25 2.77
CA LEU A 420 7.79 25.61 2.85
C LEU A 420 8.82 26.28 1.93
N GLY A 421 8.36 27.17 1.07
CA GLY A 421 9.23 27.81 0.10
C GLY A 421 9.72 26.89 -1.01
N LEU A 422 8.93 25.86 -1.31
CA LEU A 422 9.25 24.95 -2.40
C LEU A 422 8.62 25.44 -3.69
N PRO A 423 9.24 25.11 -4.83
CA PRO A 423 8.56 25.41 -6.08
C PRO A 423 7.19 24.75 -6.12
N GLN A 424 6.28 25.37 -6.85
CA GLN A 424 4.95 24.82 -7.06
C GLN A 424 5.05 23.47 -7.78
N ASN A 425 4.15 22.55 -7.40
CA ASN A 425 4.12 21.18 -7.92
C ASN A 425 5.28 20.29 -7.48
N THR A 426 6.05 20.73 -6.49
CA THR A 426 7.07 19.85 -5.90
C THR A 426 6.39 18.63 -5.28
N MET A 427 5.25 18.88 -4.63
CA MET A 427 4.51 17.85 -3.94
C MET A 427 3.60 17.10 -4.88
N LYS A 428 3.96 15.85 -5.16
CA LYS A 428 3.26 15.03 -6.12
C LYS A 428 2.24 14.17 -5.41
N ILE A 429 1.27 13.66 -6.15
CA ILE A 429 0.17 12.97 -5.53
C ILE A 429 -0.02 11.59 -6.13
N GLY A 430 -0.04 10.58 -5.26
CA GLY A 430 -0.47 9.27 -5.65
C GLY A 430 -1.93 9.18 -5.25
N ILE A 431 -2.79 9.06 -6.26
CA ILE A 431 -4.22 9.06 -6.04
C ILE A 431 -4.72 7.65 -5.80
N MET A 432 -5.27 7.41 -4.63
CA MET A 432 -5.91 6.14 -4.38
C MET A 432 -7.29 6.24 -5.02
N ASP A 433 -7.61 5.28 -5.89
CA ASP A 433 -8.96 5.11 -6.43
C ASP A 433 -9.58 4.00 -5.58
N GLU A 434 -10.26 4.40 -4.51
CA GLU A 434 -10.75 3.46 -3.51
C GLU A 434 -12.05 3.94 -2.87
N GLU A 435 -12.70 4.89 -3.53
CA GLU A 435 -14.07 5.31 -3.19
C GLU A 435 -14.88 5.37 -4.50
N ARG A 436 -16.15 5.03 -4.42
CA ARG A 436 -17.00 4.90 -5.59
C ARG A 436 -17.14 6.19 -6.37
N ARG A 437 -17.26 7.30 -5.66
CA ARG A 437 -17.43 8.58 -6.33
C ARG A 437 -16.16 9.00 -7.05
N THR A 438 -15.03 8.42 -6.66
CA THR A 438 -13.81 8.64 -7.44
C THR A 438 -13.79 7.72 -8.66
N THR A 439 -14.15 6.45 -8.43
CA THR A 439 -14.18 5.47 -9.50
C THR A 439 -14.99 5.95 -10.72
N VAL A 440 -16.21 6.44 -10.50
CA VAL A 440 -17.08 6.79 -11.60
C VAL A 440 -16.81 8.19 -12.14
N ASN A 441 -15.91 8.93 -11.48
CA ASN A 441 -15.45 10.22 -11.99
C ASN A 441 -13.93 10.25 -12.18
N LEU A 442 -13.34 9.09 -12.43
CA LEU A 442 -11.88 8.94 -12.37
C LEU A 442 -11.14 9.88 -13.32
N LYS A 443 -11.61 9.97 -14.56
CA LYS A 443 -10.98 10.82 -15.55
C LYS A 443 -10.90 12.28 -15.09
N ALA A 444 -11.99 12.77 -14.50
CA ALA A 444 -12.02 14.13 -13.95
C ALA A 444 -11.11 14.25 -12.75
N CYS A 445 -10.98 13.19 -11.97
CA CYS A 445 -10.09 13.24 -10.81
C CYS A 445 -8.63 13.41 -11.24
N ILE A 446 -8.21 12.59 -12.20
CA ILE A 446 -6.86 12.67 -12.76
C ILE A 446 -6.62 14.06 -13.34
N LYS A 447 -7.65 14.59 -14.01
CA LYS A 447 -7.52 15.88 -14.62
C LYS A 447 -7.33 16.98 -13.59
N ALA A 448 -8.03 16.89 -12.46
CA ALA A 448 -7.88 17.88 -11.39
C ALA A 448 -6.46 17.89 -10.81
N ALA A 449 -5.72 16.81 -11.02
CA ALA A 449 -4.34 16.72 -10.55
C ALA A 449 -3.36 16.51 -11.71
N ALA A 450 -3.75 16.95 -12.91
CA ALA A 450 -2.98 16.60 -14.12
C ALA A 450 -1.52 17.03 -14.07
N ASP A 451 -1.21 17.99 -13.20
CA ASP A 451 0.17 18.45 -13.05
C ASP A 451 0.88 17.86 -11.84
N ARG A 452 0.18 17.08 -11.04
CA ARG A 452 0.79 16.54 -9.84
C ARG A 452 0.78 15.03 -9.73
N VAL A 453 0.02 14.38 -10.60
CA VAL A 453 -0.26 12.96 -10.37
C VAL A 453 0.92 12.08 -10.77
N VAL A 454 1.30 11.16 -9.89
CA VAL A 454 2.38 10.23 -10.20
C VAL A 454 1.91 8.78 -10.13
N PHE A 455 0.74 8.56 -9.54
CA PHE A 455 0.06 7.28 -9.72
C PHE A 455 -1.43 7.32 -9.51
N ILE A 456 -2.09 6.30 -10.03
CA ILE A 456 -3.41 5.95 -9.56
C ILE A 456 -3.28 4.52 -9.12
N ASN A 457 -4.02 4.14 -8.09
CA ASN A 457 -3.95 2.78 -7.56
C ASN A 457 -5.32 2.35 -7.08
N THR A 458 -5.66 1.09 -7.37
CA THR A 458 -6.94 0.55 -6.96
C THR A 458 -6.86 -0.01 -5.55
N GLY A 459 -7.23 0.81 -4.57
CA GLY A 459 -7.33 0.36 -3.20
C GLY A 459 -8.63 -0.41 -3.06
N PHE A 460 -8.61 -1.65 -3.53
CA PHE A 460 -9.83 -2.45 -3.67
C PHE A 460 -10.52 -2.80 -2.35
N LEU A 461 -9.77 -2.85 -1.26
CA LEU A 461 -10.38 -3.15 0.03
C LEU A 461 -11.23 -2.00 0.52
N ASP A 462 -10.68 -0.78 0.51
CA ASP A 462 -11.50 0.38 0.88
C ASP A 462 -12.62 0.54 -0.14
N ARG A 463 -12.33 0.23 -1.40
CA ARG A 463 -13.31 0.40 -2.45
C ARG A 463 -14.53 -0.51 -2.19
N THR A 464 -14.26 -1.71 -1.71
CA THR A 464 -15.29 -2.67 -1.37
C THR A 464 -16.10 -2.18 -0.17
N GLY A 465 -15.40 -1.62 0.82
CA GLY A 465 -16.06 -1.00 1.97
C GLY A 465 -17.01 0.10 1.55
N ASP A 466 -16.53 1.00 0.69
CA ASP A 466 -17.37 2.08 0.19
C ASP A 466 -18.53 1.51 -0.62
N GLU A 467 -18.32 0.40 -1.32
CA GLU A 467 -19.38 -0.19 -2.15
C GLU A 467 -20.53 -0.63 -1.25
N ILE A 468 -20.20 -1.33 -0.18
CA ILE A 468 -21.18 -1.80 0.78
C ILE A 468 -21.93 -0.64 1.44
N HIS A 469 -21.19 0.37 1.91
CA HIS A 469 -21.84 1.47 2.61
C HIS A 469 -22.72 2.31 1.71
N THR A 470 -22.27 2.57 0.49
CA THR A 470 -22.99 3.43 -0.43
C THR A 470 -24.38 2.85 -0.75
N SER A 471 -24.43 1.53 -0.88
CA SER A 471 -25.67 0.87 -1.25
C SER A 471 -26.26 0.10 -0.09
N MET A 472 -25.86 0.50 1.12
CA MET A 472 -26.28 -0.13 2.38
C MET A 472 -27.79 -0.42 2.43
N GLU A 473 -28.58 0.57 2.01
CA GLU A 473 -30.04 0.48 2.07
C GLU A 473 -30.65 -0.32 0.90
N ALA A 474 -29.85 -0.72 -0.08
CA ALA A 474 -30.41 -1.44 -1.25
C ALA A 474 -30.81 -2.88 -0.98
N GLY A 475 -30.14 -3.54 -0.04
CA GLY A 475 -30.40 -4.95 0.22
C GLY A 475 -29.17 -5.63 0.75
N PRO A 476 -29.28 -6.92 1.08
CA PRO A 476 -28.12 -7.64 1.61
C PRO A 476 -27.06 -7.87 0.52
N MET A 477 -25.80 -7.71 0.92
CA MET A 477 -24.67 -7.88 -0.01
C MET A 477 -24.12 -9.31 0.04
N VAL A 478 -23.38 -9.68 -1.00
CA VAL A 478 -22.74 -10.99 -1.03
C VAL A 478 -21.68 -11.07 0.06
N ARG A 479 -21.23 -12.28 0.33
CA ARG A 479 -20.21 -12.49 1.36
C ARG A 479 -18.90 -11.78 1.02
N LYS A 480 -18.11 -11.50 2.04
CA LYS A 480 -16.82 -10.82 1.90
C LYS A 480 -15.93 -11.52 0.86
N GLY A 481 -15.92 -12.84 0.90
CA GLY A 481 -15.06 -13.63 0.01
C GLY A 481 -15.52 -13.62 -1.45
N THR A 482 -16.81 -13.39 -1.64
CA THR A 482 -17.42 -13.27 -2.96
C THR A 482 -17.08 -11.92 -3.62
N MET A 483 -16.89 -10.89 -2.80
CA MET A 483 -16.66 -9.52 -3.27
C MET A 483 -15.53 -9.36 -4.26
N LYS A 484 -14.41 -10.04 -4.02
CA LYS A 484 -13.23 -9.93 -4.87
C LYS A 484 -13.50 -10.27 -6.33
N SER A 485 -14.59 -10.99 -6.62
CA SER A 485 -14.83 -11.49 -7.97
C SER A 485 -16.13 -10.97 -8.56
N GLN A 486 -16.76 -10.03 -7.87
CA GLN A 486 -17.97 -9.40 -8.37
C GLN A 486 -17.73 -8.57 -9.62
N PRO A 487 -18.76 -8.45 -10.46
CA PRO A 487 -18.65 -7.65 -11.69
C PRO A 487 -18.26 -6.22 -11.42
N TRP A 488 -18.78 -5.59 -10.37
CA TRP A 488 -18.46 -4.19 -10.11
C TRP A 488 -16.94 -4.00 -9.97
N ILE A 489 -16.28 -4.91 -9.24
CA ILE A 489 -14.87 -4.75 -8.92
C ILE A 489 -13.95 -5.03 -10.11
N LEU A 490 -14.36 -5.97 -10.97
CA LEU A 490 -13.58 -6.28 -12.16
C LEU A 490 -13.67 -5.13 -13.14
N ALA A 491 -14.83 -4.53 -13.25
CA ALA A 491 -14.97 -3.35 -14.09
C ALA A 491 -14.16 -2.17 -13.50
N TYR A 492 -14.26 -1.99 -12.19
CA TYR A 492 -13.47 -0.97 -11.47
C TYR A 492 -11.96 -1.10 -11.74
N GLU A 493 -11.45 -2.34 -11.73
CA GLU A 493 -10.03 -2.59 -11.98
C GLU A 493 -9.62 -2.27 -13.43
N ASP A 494 -10.45 -2.67 -14.39
CA ASP A 494 -10.19 -2.39 -15.79
C ASP A 494 -10.38 -0.92 -16.14
N HIS A 495 -11.40 -0.30 -15.56
CA HIS A 495 -11.64 1.13 -15.77
C HIS A 495 -10.44 1.96 -15.28
N ASN A 496 -9.89 1.57 -14.15
CA ASN A 496 -8.73 2.28 -13.60
C ASN A 496 -7.54 2.30 -14.57
N VAL A 497 -7.20 1.12 -15.07
CA VAL A 497 -6.14 0.99 -16.04
C VAL A 497 -6.43 1.79 -17.30
N ASP A 498 -7.66 1.67 -17.80
CA ASP A 498 -8.05 2.36 -19.03
C ASP A 498 -7.92 3.89 -18.87
N ALA A 499 -8.34 4.42 -17.73
CA ALA A 499 -8.30 5.85 -17.52
C ALA A 499 -6.85 6.35 -17.49
N GLY A 500 -6.00 5.61 -16.79
CA GLY A 500 -4.60 5.98 -16.67
C GLY A 500 -3.94 6.02 -18.03
N LEU A 501 -4.10 4.94 -18.78
CA LEU A 501 -3.44 4.82 -20.09
C LEU A 501 -3.88 5.92 -21.03
N ALA A 502 -5.17 6.22 -21.02
CA ALA A 502 -5.74 7.24 -21.88
C ALA A 502 -5.30 8.65 -21.47
N ALA A 503 -4.91 8.80 -20.21
CA ALA A 503 -4.38 10.07 -19.72
C ALA A 503 -2.87 10.11 -19.92
N GLY A 504 -2.34 9.14 -20.66
CA GLY A 504 -0.92 9.13 -20.97
C GLY A 504 0.01 8.71 -19.85
N PHE A 505 -0.48 7.87 -18.93
CA PHE A 505 0.36 7.44 -17.80
C PHE A 505 1.57 6.64 -18.27
N SER A 506 1.40 5.89 -19.35
CA SER A 506 2.44 5.02 -19.87
C SER A 506 3.71 5.84 -20.15
N GLY A 507 4.76 5.58 -19.39
CA GLY A 507 6.00 6.35 -19.50
C GLY A 507 6.06 7.58 -18.63
N ARG A 508 4.99 7.85 -17.88
CA ARG A 508 4.88 9.10 -17.13
C ARG A 508 4.46 8.92 -15.66
N ALA A 509 3.62 7.93 -15.39
CA ALA A 509 3.08 7.73 -14.04
C ALA A 509 2.74 6.26 -13.83
N GLN A 510 2.65 5.84 -12.57
CA GLN A 510 2.35 4.45 -12.26
C GLN A 510 0.85 4.14 -12.35
N VAL A 511 0.54 2.99 -12.92
CA VAL A 511 -0.80 2.43 -12.81
C VAL A 511 -0.68 1.24 -11.87
N GLY A 512 -1.27 1.35 -10.70
CA GLY A 512 -1.00 0.38 -9.63
C GLY A 512 -2.22 -0.41 -9.22
N LYS A 513 -1.98 -1.62 -8.72
CA LYS A 513 -3.06 -2.43 -8.16
C LYS A 513 -2.78 -2.80 -6.71
N GLY A 514 -3.70 -3.56 -6.10
CA GLY A 514 -3.79 -3.65 -4.65
C GLY A 514 -2.94 -4.69 -3.94
N MET A 515 -3.17 -4.80 -2.63
CA MET A 515 -2.35 -5.54 -1.69
C MET A 515 -2.67 -7.04 -1.67
N TRP A 516 -1.63 -7.86 -1.62
CA TRP A 516 -1.80 -9.29 -1.33
C TRP A 516 -1.68 -9.44 0.18
N THR A 517 -2.70 -10.00 0.81
CA THR A 517 -2.74 -9.98 2.27
C THR A 517 -2.44 -11.33 2.92
N MET A 518 -2.39 -12.39 2.12
CA MET A 518 -2.19 -13.74 2.64
C MET A 518 -0.72 -14.09 2.72
N THR A 519 -0.06 -13.60 3.76
CA THR A 519 1.40 -13.63 3.87
C THR A 519 2.03 -15.01 3.86
N GLU A 520 1.27 -16.02 4.28
CA GLU A 520 1.77 -17.39 4.34
C GLU A 520 1.48 -18.18 3.07
N LEU A 521 0.63 -17.64 2.20
CA LEU A 521 0.27 -18.34 0.98
C LEU A 521 1.04 -17.80 -0.21
N MET A 522 2.36 -17.93 -0.15
CA MET A 522 3.20 -17.35 -1.20
C MET A 522 3.13 -18.10 -2.53
N ALA A 523 2.93 -19.41 -2.50
CA ALA A 523 2.78 -20.17 -3.74
C ALA A 523 1.54 -19.69 -4.48
N ASP A 524 0.47 -19.44 -3.73
CA ASP A 524 -0.75 -18.90 -4.31
C ASP A 524 -0.51 -17.47 -4.82
N MET A 525 0.28 -16.67 -4.10
CA MET A 525 0.59 -15.33 -4.59
C MET A 525 1.36 -15.38 -5.91
N VAL A 526 2.41 -16.20 -5.96
CA VAL A 526 3.20 -16.35 -7.19
C VAL A 526 2.36 -16.81 -8.39
N GLU A 527 1.40 -17.70 -8.12
CA GLU A 527 0.52 -18.24 -9.17
C GLU A 527 -0.57 -17.23 -9.61
N THR A 528 -1.09 -16.44 -8.68
CA THR A 528 -2.27 -15.62 -9.01
C THR A 528 -2.01 -14.12 -9.22
N LYS A 529 -1.05 -13.55 -8.48
CA LYS A 529 -0.81 -12.10 -8.52
C LYS A 529 -0.23 -11.65 -9.87
N ILE A 530 0.20 -12.61 -10.69
CA ILE A 530 0.70 -12.30 -12.03
C ILE A 530 -0.39 -11.63 -12.87
N ALA A 531 -1.65 -11.85 -12.49
CA ALA A 531 -2.79 -11.23 -13.13
C ALA A 531 -2.68 -9.70 -13.17
N GLN A 532 -2.04 -9.11 -12.16
CA GLN A 532 -1.97 -7.65 -12.09
C GLN A 532 -1.08 -7.03 -13.19
N PRO A 533 0.20 -7.43 -13.27
CA PRO A 533 0.94 -6.90 -14.42
C PRO A 533 0.37 -7.38 -15.78
N ARG A 534 -0.27 -8.55 -15.83
CA ARG A 534 -0.93 -8.98 -17.07
C ARG A 534 -2.05 -8.06 -17.52
N ALA A 535 -2.65 -7.38 -16.54
CA ALA A 535 -3.72 -6.44 -16.81
C ALA A 535 -3.19 -5.04 -17.06
N GLY A 536 -1.87 -4.89 -17.16
CA GLY A 536 -1.30 -3.59 -17.46
C GLY A 536 -0.86 -2.73 -16.27
N ALA A 537 -0.96 -3.26 -15.06
CA ALA A 537 -0.52 -2.47 -13.91
C ALA A 537 1.00 -2.42 -13.86
N SER A 538 1.57 -1.22 -13.76
CA SER A 538 3.03 -1.13 -13.70
C SER A 538 3.56 -1.41 -12.30
N THR A 539 2.66 -1.45 -11.33
CA THR A 539 3.07 -1.77 -9.98
C THR A 539 1.90 -2.37 -9.23
N ALA A 540 2.20 -3.12 -8.18
CA ALA A 540 1.15 -3.61 -7.31
C ALA A 540 1.70 -3.79 -5.91
N TRP A 541 0.81 -3.80 -4.92
CA TRP A 541 1.25 -3.72 -3.52
C TRP A 541 1.54 -5.07 -2.91
N VAL A 542 2.59 -5.10 -2.09
CA VAL A 542 2.99 -6.25 -1.30
C VAL A 542 3.26 -5.76 0.11
N PRO A 543 3.13 -6.65 1.11
CA PRO A 543 3.25 -6.21 2.51
C PRO A 543 4.58 -6.51 3.18
N SER A 544 5.51 -7.15 2.47
CA SER A 544 6.80 -7.48 3.07
C SER A 544 7.91 -7.53 2.02
N PRO A 545 9.16 -7.38 2.45
CA PRO A 545 10.28 -7.51 1.51
C PRO A 545 10.28 -8.87 0.81
N THR A 546 9.96 -9.93 1.55
CA THR A 546 9.88 -11.28 0.98
C THR A 546 8.86 -11.32 -0.14
N ALA A 547 7.66 -10.79 0.13
CA ALA A 547 6.63 -10.76 -0.90
C ALA A 547 7.05 -9.91 -2.11
N ALA A 548 7.82 -8.85 -1.86
CA ALA A 548 8.31 -7.98 -2.93
C ALA A 548 9.26 -8.72 -3.86
N THR A 549 10.11 -9.56 -3.30
CA THR A 549 11.07 -10.33 -4.09
C THR A 549 10.34 -11.37 -4.95
N LEU A 550 9.32 -11.99 -4.37
CA LEU A 550 8.56 -12.99 -5.10
C LEU A 550 7.64 -12.37 -6.18
N HIS A 551 7.05 -11.22 -5.90
CA HIS A 551 6.23 -10.50 -6.88
C HIS A 551 7.05 -9.96 -8.05
N ALA A 552 8.31 -9.60 -7.80
CA ALA A 552 9.25 -9.21 -8.86
C ALA A 552 9.33 -10.25 -9.97
N LEU A 553 9.28 -11.54 -9.60
CA LEU A 553 9.22 -12.62 -10.59
C LEU A 553 8.21 -12.33 -11.70
N HIS A 554 7.06 -11.80 -11.34
CA HIS A 554 5.99 -11.54 -12.30
C HIS A 554 6.33 -10.50 -13.35
N TYR A 555 7.13 -9.49 -12.96
CA TYR A 555 7.50 -8.45 -13.90
C TYR A 555 8.59 -8.93 -14.85
N HIS A 556 9.22 -10.05 -14.49
CA HIS A 556 10.15 -10.66 -15.41
C HIS A 556 9.42 -11.55 -16.41
N GLN A 557 8.29 -12.10 -16.00
CA GLN A 557 7.51 -12.95 -16.88
C GLN A 557 6.68 -12.10 -17.81
N VAL A 558 6.22 -10.95 -17.31
CA VAL A 558 5.30 -10.11 -18.07
C VAL A 558 5.96 -8.81 -18.50
N ASP A 559 5.88 -8.50 -19.79
CA ASP A 559 6.36 -7.20 -20.29
C ASP A 559 5.28 -6.13 -20.12
N VAL A 560 5.29 -5.44 -18.98
CA VAL A 560 4.22 -4.50 -18.67
C VAL A 560 4.09 -3.39 -19.71
N ALA A 561 5.23 -2.81 -20.11
CA ALA A 561 5.21 -1.75 -21.13
C ALA A 561 4.47 -2.18 -22.40
N ALA A 562 4.73 -3.41 -22.82
CA ALA A 562 4.09 -3.97 -24.01
C ALA A 562 2.61 -4.22 -23.77
N VAL A 563 2.26 -4.76 -22.61
CA VAL A 563 0.86 -4.93 -22.26
C VAL A 563 0.13 -3.58 -22.31
N GLN A 564 0.69 -2.54 -21.70
CA GLN A 564 0.05 -1.24 -21.69
C GLN A 564 -0.17 -0.68 -23.11
N GLN A 565 0.82 -0.85 -23.98
CA GLN A 565 0.71 -0.34 -25.35
C GLN A 565 -0.34 -1.13 -26.15
N GLY A 566 -0.49 -2.40 -25.83
CA GLY A 566 -1.51 -3.23 -26.45
C GLY A 566 -2.91 -2.89 -25.97
N LEU A 567 -3.01 -2.24 -24.81
CA LEU A 567 -4.30 -1.87 -24.26
C LEU A 567 -4.79 -0.51 -24.76
N ALA A 568 -3.89 0.25 -25.39
CA ALA A 568 -4.16 1.64 -25.77
C ALA A 568 -5.45 1.79 -26.56
N GLY A 569 -6.28 2.73 -26.13
CA GLY A 569 -7.54 2.98 -26.82
C GLY A 569 -8.67 2.05 -26.44
N LYS A 570 -8.39 1.00 -25.67
CA LYS A 570 -9.46 0.07 -25.32
C LYS A 570 -10.38 0.67 -24.27
N ARG A 571 -11.65 0.30 -24.34
CA ARG A 571 -12.68 0.80 -23.46
C ARG A 571 -13.43 -0.41 -22.93
N ARG A 572 -12.91 -1.04 -21.89
CA ARG A 572 -13.40 -2.37 -21.50
C ARG A 572 -14.41 -2.39 -20.36
N ALA A 573 -14.68 -1.23 -19.77
CA ALA A 573 -15.68 -1.14 -18.71
C ALA A 573 -16.64 0.00 -18.98
N THR A 574 -17.93 -0.26 -18.79
CA THR A 574 -18.95 0.78 -18.97
C THR A 574 -19.36 1.32 -17.60
N ILE A 575 -19.98 2.50 -17.59
CA ILE A 575 -20.50 3.09 -16.37
C ILE A 575 -21.51 2.17 -15.67
N GLU A 576 -22.31 1.44 -16.46
CA GLU A 576 -23.30 0.49 -15.94
C GLU A 576 -22.64 -0.64 -15.15
N GLN A 577 -21.58 -1.21 -15.71
CA GLN A 577 -20.83 -2.26 -15.03
C GLN A 577 -20.25 -1.75 -13.72
N LEU A 578 -19.74 -0.52 -13.72
CA LEU A 578 -19.20 0.10 -12.50
C LEU A 578 -20.29 0.22 -11.43
N LEU A 579 -21.51 0.56 -11.85
CA LEU A 579 -22.62 0.83 -10.92
C LEU A 579 -23.39 -0.41 -10.54
N THR A 580 -22.89 -1.58 -10.93
CA THR A 580 -23.57 -2.83 -10.60
C THR A 580 -23.38 -3.21 -9.13
N ILE A 581 -24.38 -2.87 -8.33
CA ILE A 581 -24.38 -3.13 -6.89
C ILE A 581 -24.31 -4.63 -6.54
N PRO A 582 -23.40 -5.03 -5.64
CA PRO A 582 -23.19 -6.45 -5.35
C PRO A 582 -24.24 -7.08 -4.43
N LEU A 583 -25.51 -7.00 -4.81
CA LEU A 583 -26.63 -7.54 -4.02
C LEU A 583 -26.68 -9.05 -4.08
N ALA A 584 -26.97 -9.68 -2.95
CA ALA A 584 -27.11 -11.13 -2.89
C ALA A 584 -28.43 -11.56 -3.52
N LYS A 585 -28.39 -12.72 -4.18
CA LYS A 585 -29.58 -13.31 -4.78
C LYS A 585 -30.50 -13.86 -3.71
N GLU A 586 -31.74 -14.16 -4.11
CA GLU A 586 -32.74 -14.75 -3.24
C GLU A 586 -32.30 -16.13 -2.74
N LEU A 587 -32.33 -16.32 -1.41
CA LEU A 587 -31.99 -17.60 -0.78
C LEU A 587 -30.59 -18.06 -1.13
N ALA A 588 -29.61 -17.16 -1.07
CA ALA A 588 -28.27 -17.47 -1.58
C ALA A 588 -27.45 -18.35 -0.63
N TRP A 589 -27.82 -18.38 0.64
CA TRP A 589 -27.04 -19.12 1.64
C TRP A 589 -27.88 -20.01 2.52
N ALA A 590 -27.33 -21.16 2.87
CA ALA A 590 -27.90 -22.00 3.90
C ALA A 590 -27.49 -21.43 5.24
N PRO A 591 -28.19 -21.82 6.31
CA PRO A 591 -27.88 -21.41 7.68
C PRO A 591 -26.41 -21.54 8.09
N ASP A 592 -25.75 -22.62 7.69
CA ASP A 592 -24.36 -22.85 8.07
C ASP A 592 -23.40 -21.89 7.37
N GLU A 593 -23.74 -21.47 6.16
CA GLU A 593 -22.93 -20.52 5.43
C GLU A 593 -23.03 -19.13 6.05
N ILE A 594 -24.25 -18.76 6.45
CA ILE A 594 -24.44 -17.52 7.17
C ILE A 594 -23.63 -17.49 8.44
N ARG A 595 -23.65 -18.60 9.18
CA ARG A 595 -22.90 -18.68 10.45
C ARG A 595 -21.38 -18.56 10.23
N GLU A 596 -20.88 -19.25 9.22
CA GLU A 596 -19.45 -19.22 8.90
C GLU A 596 -18.99 -17.79 8.60
N GLU A 597 -19.79 -17.07 7.81
CA GLU A 597 -19.45 -15.71 7.41
C GLU A 597 -19.47 -14.78 8.61
N VAL A 598 -20.46 -14.93 9.48
CA VAL A 598 -20.51 -14.16 10.71
C VAL A 598 -19.27 -14.41 11.57
N ASP A 599 -18.95 -15.68 11.80
CA ASP A 599 -17.78 -16.08 12.58
C ASP A 599 -16.49 -15.59 11.92
N ASN A 600 -16.41 -15.68 10.60
CA ASN A 600 -15.22 -15.23 9.88
C ASN A 600 -15.01 -13.74 10.14
N ASN A 601 -16.04 -12.96 9.90
CA ASN A 601 -15.94 -11.51 10.10
C ASN A 601 -15.70 -11.10 11.55
N CYS A 602 -16.38 -11.74 12.49
CA CYS A 602 -16.22 -11.38 13.90
C CYS A 602 -14.79 -11.67 14.39
N GLN A 603 -14.27 -12.84 14.05
CA GLN A 603 -12.89 -13.18 14.39
C GLN A 603 -11.91 -12.16 13.80
N SER A 604 -12.12 -11.84 12.53
CA SER A 604 -11.24 -10.89 11.85
C SER A 604 -11.28 -9.50 12.53
N ILE A 605 -12.49 -9.03 12.84
CA ILE A 605 -12.66 -7.76 13.50
C ILE A 605 -12.00 -7.76 14.87
N LEU A 606 -12.34 -8.75 15.69
CA LEU A 606 -11.79 -8.85 17.04
C LEU A 606 -10.26 -8.96 17.06
N GLY A 607 -9.72 -9.84 16.20
CA GLY A 607 -8.30 -10.07 16.14
C GLY A 607 -7.54 -8.81 15.77
N TYR A 608 -8.10 -8.04 14.87
CA TYR A 608 -7.50 -6.78 14.48
C TYR A 608 -7.68 -5.68 15.56
N VAL A 609 -8.91 -5.50 16.02
CA VAL A 609 -9.26 -4.40 16.91
C VAL A 609 -8.55 -4.49 18.29
N VAL A 610 -8.41 -5.71 18.80
CA VAL A 610 -7.76 -5.90 20.08
C VAL A 610 -6.32 -5.36 20.07
N ARG A 611 -5.59 -5.56 18.98
CA ARG A 611 -4.22 -5.05 18.90
C ARG A 611 -4.19 -3.56 18.59
N TRP A 612 -5.20 -3.09 17.89
CA TRP A 612 -5.32 -1.68 17.56
C TRP A 612 -5.55 -0.91 18.85
N VAL A 613 -6.61 -1.30 19.56
CA VAL A 613 -7.06 -0.57 20.75
C VAL A 613 -6.15 -0.75 21.96
N ASP A 614 -5.69 -1.98 22.22
CA ASP A 614 -4.86 -2.22 23.39
C ASP A 614 -3.37 -1.92 23.22
N GLN A 615 -2.84 -2.08 22.01
CA GLN A 615 -1.40 -2.02 21.81
C GLN A 615 -0.98 -1.01 20.74
N GLY A 616 -1.94 -0.31 20.16
CA GLY A 616 -1.64 0.71 19.18
C GLY A 616 -0.98 0.15 17.93
N VAL A 617 -1.29 -1.10 17.61
CA VAL A 617 -0.78 -1.72 16.38
C VAL A 617 -1.82 -1.67 15.26
N GLY A 618 -1.45 -1.08 14.13
CA GLY A 618 -2.37 -0.90 13.02
C GLY A 618 -2.36 -1.95 11.94
N ALA A 619 -1.37 -2.85 11.94
CA ALA A 619 -1.33 -3.95 10.99
C ALA A 619 -0.60 -5.12 11.59
N SER A 620 -1.24 -6.29 11.54
CA SER A 620 -0.67 -7.49 12.13
C SER A 620 -1.40 -8.72 11.59
N LYS A 621 -0.79 -9.88 11.83
CA LYS A 621 -1.27 -11.15 11.31
C LYS A 621 -2.38 -11.76 12.18
N VAL A 622 -3.52 -12.06 11.55
CA VAL A 622 -4.67 -12.61 12.26
C VAL A 622 -5.28 -13.75 11.45
N PRO A 623 -5.26 -14.96 12.04
CA PRO A 623 -5.74 -16.18 11.38
C PRO A 623 -7.24 -16.16 11.27
N ASP A 624 -7.78 -16.36 10.07
CA ASP A 624 -9.23 -16.34 9.89
C ASP A 624 -9.91 -17.62 10.37
N ILE A 625 -11.09 -17.89 9.80
CA ILE A 625 -11.89 -19.05 10.15
C ILE A 625 -11.38 -20.33 9.44
N HIS A 626 -10.16 -20.25 8.92
CA HIS A 626 -9.51 -21.39 8.30
C HIS A 626 -8.03 -21.45 8.70
N ASP A 627 -7.66 -20.61 9.65
CA ASP A 627 -6.28 -20.49 10.17
C ASP A 627 -5.26 -19.84 9.23
N VAL A 628 -5.70 -19.46 8.03
CA VAL A 628 -4.86 -18.70 7.11
C VAL A 628 -4.53 -17.31 7.69
N ALA A 629 -3.26 -17.11 8.06
CA ALA A 629 -2.81 -15.84 8.63
C ALA A 629 -2.85 -14.70 7.60
N LEU A 630 -3.70 -13.71 7.86
CA LEU A 630 -3.82 -12.52 7.01
C LEU A 630 -3.10 -11.33 7.63
N MET A 631 -2.30 -10.63 6.82
CA MET A 631 -1.75 -9.34 7.25
C MET A 631 -2.69 -8.21 6.82
N GLU A 632 -3.64 -7.90 7.68
CA GLU A 632 -4.68 -6.93 7.34
C GLU A 632 -4.52 -5.60 8.05
N ASP A 633 -5.17 -4.58 7.48
CA ASP A 633 -5.22 -3.28 8.10
C ASP A 633 -6.64 -2.72 8.19
N ARG A 634 -6.78 -1.41 8.38
CA ARG A 634 -8.10 -0.83 8.63
C ARG A 634 -9.10 -1.08 7.52
N ALA A 635 -8.61 -1.14 6.27
CA ALA A 635 -9.52 -1.34 5.15
C ALA A 635 -10.29 -2.65 5.25
N THR A 636 -9.60 -3.73 5.64
CA THR A 636 -10.31 -5.01 5.79
C THR A 636 -11.34 -4.93 6.95
N LEU A 637 -10.97 -4.21 8.01
CA LEU A 637 -11.89 -3.96 9.11
C LEU A 637 -13.11 -3.19 8.62
N ARG A 638 -12.87 -2.24 7.72
CA ARG A 638 -13.97 -1.48 7.15
C ARG A 638 -14.95 -2.39 6.42
N ILE A 639 -14.41 -3.33 5.66
CA ILE A 639 -15.25 -4.28 4.93
C ILE A 639 -16.05 -5.16 5.88
N SER A 640 -15.37 -5.76 6.85
CA SER A 640 -15.99 -6.75 7.71
C SER A 640 -17.08 -6.11 8.54
N SER A 641 -16.81 -4.93 9.07
CA SER A 641 -17.78 -4.28 9.94
C SER A 641 -18.97 -3.80 9.11
N GLN A 642 -18.72 -3.29 7.91
CA GLN A 642 -19.81 -2.85 7.05
C GLN A 642 -20.69 -4.01 6.55
N LEU A 643 -20.06 -5.15 6.28
CA LEU A 643 -20.79 -6.32 5.80
C LEU A 643 -21.74 -6.84 6.86
N LEU A 644 -21.27 -6.98 8.10
CA LEU A 644 -22.17 -7.38 9.19
C LEU A 644 -23.25 -6.32 9.43
N ALA A 645 -22.87 -5.04 9.37
CA ALA A 645 -23.85 -3.96 9.49
C ALA A 645 -24.91 -4.08 8.41
N ASN A 646 -24.48 -4.47 7.22
CA ASN A 646 -25.42 -4.65 6.12
C ASN A 646 -26.31 -5.89 6.33
N TRP A 647 -25.72 -6.98 6.73
CA TRP A 647 -26.52 -8.16 7.05
C TRP A 647 -27.51 -7.90 8.20
N LEU A 648 -27.08 -7.16 9.21
CA LEU A 648 -27.95 -6.80 10.33
C LEU A 648 -29.07 -5.85 9.89
N ARG A 649 -28.75 -4.92 9.00
CA ARG A 649 -29.69 -3.94 8.52
C ARG A 649 -30.85 -4.58 7.77
N HIS A 650 -30.56 -5.72 7.13
CA HIS A 650 -31.53 -6.35 6.25
C HIS A 650 -32.05 -7.69 6.76
N GLY A 651 -31.78 -8.01 8.01
CA GLY A 651 -32.42 -9.16 8.63
C GLY A 651 -31.83 -10.50 8.26
N VAL A 652 -30.63 -10.50 7.69
CA VAL A 652 -29.95 -11.75 7.40
C VAL A 652 -29.53 -12.44 8.70
N ILE A 653 -29.09 -11.64 9.66
CA ILE A 653 -28.69 -12.13 10.96
C ILE A 653 -29.36 -11.26 12.04
N THR A 654 -29.37 -11.74 13.28
CA THR A 654 -29.91 -10.97 14.41
C THR A 654 -28.77 -10.42 15.23
N SER A 655 -29.06 -9.45 16.08
CA SER A 655 -28.05 -8.89 16.97
C SER A 655 -27.56 -9.95 17.97
N ALA A 656 -28.37 -10.95 18.23
CA ALA A 656 -27.93 -12.07 19.07
C ALA A 656 -26.88 -12.91 18.35
N ASP A 657 -27.02 -13.11 17.04
CA ASP A 657 -26.04 -13.88 16.28
C ASP A 657 -24.67 -13.21 16.34
N VAL A 658 -24.66 -11.89 16.17
CA VAL A 658 -23.44 -11.10 16.24
C VAL A 658 -22.81 -11.19 17.63
N ARG A 659 -23.61 -10.93 18.66
CA ARG A 659 -23.14 -11.03 20.04
C ARG A 659 -22.51 -12.39 20.33
N ALA A 660 -23.21 -13.45 19.92
CA ALA A 660 -22.78 -14.82 20.21
C ALA A 660 -21.48 -15.12 19.50
N SER A 661 -21.40 -14.68 18.25
CA SER A 661 -20.20 -14.85 17.45
C SER A 661 -19.01 -14.10 18.07
N LEU A 662 -19.23 -12.85 18.46
CA LEU A 662 -18.15 -12.08 19.10
C LEU A 662 -17.68 -12.75 20.40
N GLU A 663 -18.63 -13.23 21.20
CA GLU A 663 -18.28 -13.86 22.47
C GLU A 663 -17.60 -15.21 22.22
N ARG A 664 -17.97 -15.86 21.13
CA ARG A 664 -17.40 -17.15 20.74
C ARG A 664 -15.98 -17.04 20.18
N MET A 665 -15.71 -15.96 19.44
CA MET A 665 -14.40 -15.78 18.83
C MET A 665 -13.40 -15.13 19.78
N ALA A 666 -13.91 -14.40 20.78
CA ALA A 666 -13.05 -13.68 21.71
C ALA A 666 -12.01 -14.53 22.45
N PRO A 667 -12.42 -15.66 23.06
CA PRO A 667 -11.36 -16.42 23.73
C PRO A 667 -10.41 -17.03 22.72
N LEU A 668 -10.90 -17.30 21.51
CA LEU A 668 -10.05 -17.79 20.44
C LEU A 668 -8.98 -16.74 20.12
N VAL A 669 -9.36 -15.48 20.15
CA VAL A 669 -8.41 -14.41 19.87
C VAL A 669 -7.46 -14.17 21.05
N ASP A 670 -7.92 -14.46 22.26
CA ASP A 670 -7.05 -14.39 23.44
C ASP A 670 -5.99 -15.50 23.36
N ARG A 671 -6.40 -16.66 22.87
CA ARG A 671 -5.51 -17.79 22.67
C ARG A 671 -4.44 -17.46 21.64
N GLN A 672 -4.84 -16.77 20.57
CA GLN A 672 -3.94 -16.45 19.48
C GLN A 672 -2.95 -15.38 19.85
N ASN A 673 -3.20 -14.74 20.99
CA ASN A 673 -2.34 -13.65 21.44
C ASN A 673 -1.64 -14.00 22.75
N ALA A 674 -1.69 -15.28 23.11
CA ALA A 674 -1.06 -15.75 24.35
C ALA A 674 0.37 -16.20 24.09
N ALA A 678 2.54 -8.13 26.35
CA ALA A 678 1.62 -7.52 27.31
C ALA A 678 0.20 -7.48 26.74
N TYR A 679 -0.47 -8.63 26.79
CA TYR A 679 -1.80 -8.78 26.21
C TYR A 679 -2.88 -8.97 27.27
N ARG A 680 -3.85 -8.06 27.31
CA ARG A 680 -4.98 -8.16 28.25
C ARG A 680 -6.18 -8.89 27.62
N PRO A 681 -6.61 -10.00 28.24
CA PRO A 681 -7.66 -10.87 27.68
C PRO A 681 -9.06 -10.25 27.67
N MET A 682 -9.79 -10.47 26.58
CA MET A 682 -11.15 -9.92 26.43
C MET A 682 -12.19 -10.74 27.17
N ALA A 683 -11.99 -12.06 27.16
CA ALA A 683 -12.85 -12.97 27.93
C ALA A 683 -12.30 -13.09 29.36
N PRO A 684 -13.19 -13.33 30.34
CA PRO A 684 -14.64 -13.47 30.18
C PRO A 684 -15.39 -12.16 30.41
N ASN A 685 -14.71 -11.16 30.97
CA ASN A 685 -15.35 -9.88 31.27
C ASN A 685 -15.39 -8.98 30.04
N PHE A 686 -16.27 -9.33 29.11
CA PHE A 686 -16.34 -8.64 27.82
C PHE A 686 -16.57 -7.14 27.93
N ASP A 687 -17.58 -6.75 28.71
CA ASP A 687 -17.93 -5.34 28.78
C ASP A 687 -17.00 -4.53 29.69
N ASP A 688 -15.95 -5.18 30.19
CA ASP A 688 -14.88 -4.50 30.93
C ASP A 688 -13.70 -4.25 29.99
N SER A 689 -13.78 -4.82 28.79
CA SER A 689 -12.74 -4.67 27.78
C SER A 689 -13.09 -3.56 26.80
N ILE A 690 -12.28 -2.51 26.77
CA ILE A 690 -12.50 -1.42 25.83
C ILE A 690 -12.35 -1.92 24.38
N ALA A 691 -11.48 -2.90 24.17
CA ALA A 691 -11.26 -3.41 22.82
C ALA A 691 -12.45 -4.20 22.35
N PHE A 692 -13.02 -5.01 23.23
CA PHE A 692 -14.18 -5.81 22.88
C PHE A 692 -15.35 -4.92 22.53
N LEU A 693 -15.53 -3.86 23.33
CA LEU A 693 -16.63 -2.91 23.13
C LEU A 693 -16.46 -2.12 21.83
N ALA A 694 -15.23 -1.84 21.45
CA ALA A 694 -14.93 -1.16 20.19
C ALA A 694 -15.40 -1.99 18.99
N ALA A 695 -15.11 -3.29 19.04
CA ALA A 695 -15.46 -4.21 17.96
C ALA A 695 -16.97 -4.25 17.83
N GLN A 696 -17.64 -4.36 18.96
CA GLN A 696 -19.09 -4.41 18.98
C GLN A 696 -19.65 -3.14 18.39
N GLU A 697 -19.05 -2.01 18.79
CA GLU A 697 -19.47 -0.68 18.32
C GLU A 697 -19.28 -0.53 16.81
N LEU A 698 -18.16 -1.02 16.30
CA LEU A 698 -17.88 -0.94 14.86
C LEU A 698 -19.00 -1.62 14.05
N ILE A 699 -19.50 -2.74 14.54
CA ILE A 699 -20.58 -3.45 13.86
C ILE A 699 -21.93 -2.78 14.06
N LEU A 700 -22.24 -2.44 15.30
CA LEU A 700 -23.59 -1.97 15.64
C LEU A 700 -23.86 -0.54 15.19
N SER A 701 -22.80 0.24 15.05
CA SER A 701 -22.92 1.63 14.61
C SER A 701 -22.37 1.79 13.20
N GLY A 702 -22.00 0.67 12.59
CA GLY A 702 -21.36 0.70 11.28
C GLY A 702 -22.19 1.47 10.25
N ALA A 703 -23.48 1.22 10.24
CA ALA A 703 -24.34 1.86 9.25
C ALA A 703 -24.42 3.37 9.43
N GLN A 704 -24.13 3.85 10.64
CA GLN A 704 -24.19 5.28 10.93
C GLN A 704 -22.83 5.99 10.84
N GLN A 705 -21.76 5.25 10.62
CA GLN A 705 -20.44 5.88 10.46
C GLN A 705 -20.35 6.54 9.09
N PRO A 706 -19.64 7.67 9.01
CA PRO A 706 -19.58 8.35 7.70
C PRO A 706 -18.84 7.47 6.70
N ASN A 707 -19.54 7.11 5.61
CA ASN A 707 -19.01 6.26 4.54
C ASN A 707 -18.44 4.95 5.07
N GLY A 708 -18.87 4.57 6.26
CA GLY A 708 -18.42 3.31 6.85
C GLY A 708 -17.03 3.37 7.45
N TYR A 709 -16.48 4.58 7.59
CA TYR A 709 -15.12 4.73 8.12
C TYR A 709 -15.01 4.27 9.57
N THR A 710 -13.92 3.58 9.89
CA THR A 710 -13.76 2.98 11.20
C THR A 710 -12.96 3.89 12.14
N GLU A 711 -12.31 4.91 11.59
CA GLU A 711 -11.41 5.73 12.39
C GLU A 711 -12.07 6.44 13.58
N PRO A 712 -13.26 7.03 13.39
CA PRO A 712 -13.89 7.73 14.54
C PRO A 712 -13.99 6.84 15.76
N ILE A 713 -14.47 5.61 15.58
CA ILE A 713 -14.62 4.67 16.68
C ILE A 713 -13.27 4.18 17.22
N LEU A 714 -12.37 3.75 16.33
CA LEU A 714 -11.06 3.28 16.77
C LEU A 714 -10.30 4.36 17.54
N HIS A 715 -10.38 5.61 17.06
CA HIS A 715 -9.62 6.67 17.70
C HIS A 715 -10.17 6.95 19.10
N ARG A 716 -11.49 7.12 19.18
CA ARG A 716 -12.17 7.30 20.45
C ARG A 716 -11.80 6.19 21.45
N ARG A 717 -11.92 4.94 21.02
CA ARG A 717 -11.68 3.79 21.89
C ARG A 717 -10.21 3.65 22.31
N ARG A 718 -9.29 3.88 21.37
CA ARG A 718 -7.88 3.83 21.69
C ARG A 718 -7.51 4.91 22.71
N ARG A 719 -8.06 6.12 22.53
CA ARG A 719 -7.80 7.20 23.46
C ARG A 719 -8.38 6.88 24.83
N GLU A 720 -9.56 6.26 24.85
CA GLU A 720 -10.15 5.80 26.10
C GLU A 720 -9.22 4.82 26.81
N PHE A 721 -8.70 3.85 26.06
CA PHE A 721 -7.78 2.86 26.61
C PHE A 721 -6.52 3.49 27.19
N LYS A 722 -5.93 4.41 26.45
CA LYS A 722 -4.71 5.08 26.91
C LYS A 722 -4.98 5.87 28.19
N ALA A 723 -6.14 6.48 28.27
CA ALA A 723 -6.50 7.27 29.44
C ALA A 723 -6.70 6.38 30.67
N ARG A 724 -7.19 5.16 30.44
CA ARG A 724 -7.32 4.21 31.54
C ARG A 724 -5.96 3.79 32.08
N ALA A 725 -5.07 3.41 31.17
CA ALA A 725 -3.71 2.99 31.53
C ALA A 725 -2.96 4.09 32.29
N ALA A 726 -3.41 5.33 32.13
CA ALA A 726 -2.79 6.45 32.81
C ALA A 726 -3.20 6.54 34.29
N GLU A 727 -4.35 5.94 34.64
CA GLU A 727 -4.81 5.91 36.03
C GLU A 727 -3.83 5.14 36.92
#